data_5IJK
#
_entry.id   5IJK
#
_cell.length_a   144.639
_cell.length_b   144.639
_cell.length_c   106.678
_cell.angle_alpha   90.00
_cell.angle_beta   90.00
_cell.angle_gamma   90.00
#
_symmetry.space_group_name_H-M   'P 4 21 2'
#
loop_
_entity.id
_entity.type
_entity.pdbx_description
1 polymer 'peptide PRO-LEU-GLN-PRO-GLU-GLN-PRO-PHE-PRO'
2 polymer '1E03 Fab fragment heavy chain'
3 polymer '1E03 Fab fragment light chain'
4 non-polymer 'SULFATE ION'
5 water water
#
loop_
_entity_poly.entity_id
_entity_poly.type
_entity_poly.pdbx_seq_one_letter_code
_entity_poly.pdbx_strand_id
1 'polypeptide(L)' PLQPEQPFP X,Y
2 'polypeptide(L)'
;EVQLVESGGGLVKPGGSLRLSCAASGFTFSNAWFNWVRQAPGKGLEWVGRIKTNTDGGTTDYAAPVKGRFTISRDDSKNT
LYLQMNSLKTEDTAVYYCTTGEPLVNHITILDYWGQGTLVTVSSASTKGPSVFPLAPSSKSTSGGTAALGCLVKDYFPEP
VTVSWNSGALTSGVHTFPAVLQSSGLYSLSSVVTVPSSSLGTQTYICNVNHKPSNTKVDKKVEPKSCD
;
A,B
3 'polypeptide(L)'
;DIVMTQSPDSLAVSLGERATINCKSSQSVLYSSNNKNYLAWYQQKPGQPPKLLIYWASTRESGVPDRFSGSGSGTDFTLT
ISSLQAEDVAVYYCQQYYRTPPLTFGGGTKVEIKRTVAAPSVFIFPPSDEQLKSGTASVVCLLNNFYPREAKVQWKVDNA
LQSGNSQESVTEQDSKDSTYSLSSTLTLSKADYEKHKVYACEVTHQGLSSPVTKSFNRGEC
;
C,D
#
# COMPACT_ATOMS: atom_id res chain seq x y z
N LEU A 2 -41.85 15.79 11.99
CA LEU A 2 -40.85 15.79 13.03
C LEU A 2 -39.59 16.46 12.45
N GLN A 3 -38.53 16.53 13.24
CA GLN A 3 -37.26 17.12 12.81
C GLN A 3 -36.17 16.06 12.83
N PRO A 4 -35.18 16.14 11.95
CA PRO A 4 -34.11 15.13 11.98
C PRO A 4 -33.23 15.21 13.22
N GLU A 5 -32.67 14.04 13.60
CA GLU A 5 -31.80 14.00 14.78
C GLU A 5 -30.48 14.70 14.53
N GLN A 6 -29.88 14.51 13.36
CA GLN A 6 -28.59 15.13 13.08
C GLN A 6 -28.71 16.64 13.20
N PRO A 7 -28.10 17.25 14.20
CA PRO A 7 -28.18 18.71 14.30
C PRO A 7 -27.34 19.33 13.20
N PHE A 8 -27.74 20.53 12.78
CA PHE A 8 -26.93 21.28 11.83
C PHE A 8 -26.57 22.63 12.43
N PRO A 9 -25.33 22.81 12.90
CA PRO A 9 -24.66 24.04 13.30
C PRO A 9 -24.92 25.21 12.35
N PRO B 1 25.09 22.04 -32.77
CA PRO B 1 24.03 22.23 -33.76
C PRO B 1 23.52 20.90 -34.32
N LEU B 2 24.04 19.80 -33.80
CA LEU B 2 23.66 18.47 -34.28
C LEU B 2 22.28 18.10 -33.76
N GLN B 3 21.89 16.88 -34.07
CA GLN B 3 20.60 16.31 -33.72
C GLN B 3 20.67 15.55 -32.40
N PRO B 4 19.63 15.60 -31.57
CA PRO B 4 19.60 14.78 -30.37
C PRO B 4 19.41 13.32 -30.73
N GLU B 5 19.89 12.44 -29.86
CA GLU B 5 19.76 11.00 -30.15
C GLU B 5 18.31 10.58 -30.13
N GLN B 6 17.54 11.05 -29.15
CA GLN B 6 16.14 10.67 -29.03
C GLN B 6 15.39 11.10 -30.29
N PRO B 7 14.96 10.15 -31.12
CA PRO B 7 14.21 10.52 -32.31
C PRO B 7 12.80 10.93 -31.92
N PHE B 8 12.17 11.74 -32.76
CA PHE B 8 10.77 12.07 -32.53
C PHE B 8 9.89 11.69 -33.70
N PRO B 9 9.10 10.61 -33.57
CA PRO B 9 7.99 10.17 -34.40
C PRO B 9 7.09 11.32 -34.86
N GLU C 1 -4.45 10.74 14.98
CA GLU C 1 -5.36 10.08 14.03
C GLU C 1 -6.49 9.39 14.78
N VAL C 2 -7.61 9.19 14.10
CA VAL C 2 -8.73 8.45 14.66
C VAL C 2 -8.51 6.97 14.37
N GLN C 3 -8.76 6.13 15.37
CA GLN C 3 -8.59 4.69 15.21
C GLN C 3 -9.79 3.97 15.80
N LEU C 4 -10.44 3.16 14.97
CA LEU C 4 -11.47 2.23 15.42
C LEU C 4 -10.97 0.84 15.07
N VAL C 5 -10.62 0.05 16.08
CA VAL C 5 -10.04 -1.27 15.87
C VAL C 5 -10.96 -2.30 16.50
N GLU C 6 -11.40 -3.25 15.69
CA GLU C 6 -12.38 -4.26 16.08
C GLU C 6 -11.73 -5.62 16.23
N SER C 7 -12.36 -6.46 17.06
CA SER C 7 -11.87 -7.80 17.33
C SER C 7 -13.05 -8.64 17.80
N GLY C 8 -12.82 -9.94 17.92
CA GLY C 8 -13.86 -10.85 18.38
C GLY C 8 -14.61 -11.56 17.27
N GLY C 9 -14.35 -11.24 16.01
CA GLY C 9 -15.01 -11.94 14.94
C GLY C 9 -14.51 -13.37 14.81
N GLY C 10 -15.31 -14.21 14.16
CA GLY C 10 -14.91 -15.58 13.96
C GLY C 10 -16.10 -16.47 13.71
N LEU C 11 -15.90 -17.76 13.93
CA LEU C 11 -16.90 -18.78 13.67
C LEU C 11 -17.77 -18.97 14.91
N VAL C 12 -19.07 -19.16 14.67
CA VAL C 12 -20.03 -19.42 15.74
C VAL C 12 -21.21 -20.16 15.13
N LYS C 13 -21.82 -21.04 15.89
CA LYS C 13 -22.87 -21.88 15.35
C LYS C 13 -24.22 -21.19 15.47
N PRO C 14 -25.21 -21.64 14.69
CA PRO C 14 -26.55 -21.04 14.79
C PRO C 14 -27.10 -21.17 16.19
N GLY C 15 -27.61 -20.06 16.72
CA GLY C 15 -28.15 -20.02 18.06
C GLY C 15 -27.15 -19.65 19.13
N GLY C 16 -25.88 -19.49 18.78
CA GLY C 16 -24.85 -19.14 19.74
C GLY C 16 -24.76 -17.65 19.97
N SER C 17 -23.73 -17.28 20.73
CA SER C 17 -23.50 -15.89 21.10
C SER C 17 -22.07 -15.51 20.81
N LEU C 18 -21.85 -14.22 20.58
CA LEU C 18 -20.52 -13.73 20.26
C LEU C 18 -20.48 -12.23 20.50
N ARG C 19 -19.41 -11.75 21.13
CA ARG C 19 -19.26 -10.33 21.44
C ARG C 19 -18.14 -9.76 20.58
N LEU C 20 -18.47 -8.74 19.81
CA LEU C 20 -17.46 -8.02 19.06
C LEU C 20 -17.07 -6.79 19.86
N SER C 21 -15.81 -6.41 19.77
CA SER C 21 -15.33 -5.21 20.43
C SER C 21 -14.83 -4.21 19.40
N CYS C 22 -14.83 -2.94 19.81
CA CYS C 22 -14.33 -1.85 18.98
C CYS C 22 -13.60 -0.91 19.91
N ALA C 23 -12.28 -0.83 19.75
CA ALA C 23 -11.44 0.02 20.57
C ALA C 23 -11.16 1.30 19.82
N ALA C 24 -11.45 2.44 20.46
CA ALA C 24 -11.39 3.73 19.81
C ALA C 24 -10.29 4.58 20.41
N SER C 25 -9.65 5.38 19.56
CA SER C 25 -8.72 6.41 20.00
C SER C 25 -8.77 7.56 19.01
N GLY C 26 -8.33 8.74 19.46
CA GLY C 26 -8.20 9.89 18.59
C GLY C 26 -9.36 10.87 18.62
N PHE C 27 -10.35 10.65 19.48
CA PHE C 27 -11.47 11.58 19.63
C PHE C 27 -12.11 11.32 20.99
N THR C 28 -13.06 12.16 21.35
CA THR C 28 -13.74 12.04 22.63
C THR C 28 -14.75 10.89 22.53
N PHE C 29 -14.37 9.74 23.09
CA PHE C 29 -15.23 8.56 23.07
C PHE C 29 -16.58 8.84 23.74
N SER C 30 -16.55 9.56 24.86
CA SER C 30 -17.76 9.75 25.66
C SER C 30 -18.79 10.67 25.00
N ASN C 31 -18.39 11.50 24.06
CA ASN C 31 -19.34 12.37 23.38
C ASN C 31 -19.87 11.78 22.07
N ALA C 32 -19.43 10.59 21.68
CA ALA C 32 -19.78 10.01 20.39
C ALA C 32 -20.99 9.09 20.51
N TRP C 33 -21.86 9.14 19.50
CA TRP C 33 -22.86 8.11 19.28
C TRP C 33 -22.25 7.04 18.39
N PHE C 34 -22.28 5.80 18.84
CA PHE C 34 -21.64 4.72 18.10
C PHE C 34 -22.69 3.88 17.37
N ASN C 35 -22.32 3.44 16.18
CA ASN C 35 -23.16 2.58 15.35
C ASN C 35 -22.42 1.30 15.02
N TRP C 36 -23.19 0.25 14.78
CA TRP C 36 -22.68 -0.95 14.11
C TRP C 36 -23.37 -1.09 12.75
N VAL C 37 -22.57 -1.24 11.70
CA VAL C 37 -23.07 -1.48 10.34
C VAL C 37 -22.41 -2.75 9.82
N ARG C 38 -23.21 -3.61 9.18
CA ARG C 38 -22.72 -4.88 8.69
C ARG C 38 -22.94 -5.00 7.19
N GLN C 39 -22.18 -5.90 6.58
CA GLN C 39 -22.18 -6.06 5.12
C GLN C 39 -21.98 -7.54 4.82
N ALA C 40 -23.05 -8.21 4.42
CA ALA C 40 -22.92 -9.58 3.98
C ALA C 40 -22.04 -9.63 2.73
N PRO C 41 -21.28 -10.73 2.54
CA PRO C 41 -20.34 -10.79 1.42
C PRO C 41 -21.02 -10.56 0.08
N GLY C 42 -20.48 -9.60 -0.67
CA GLY C 42 -21.05 -9.23 -1.95
C GLY C 42 -22.42 -8.60 -1.90
N LYS C 43 -22.80 -8.04 -0.75
CA LYS C 43 -24.06 -7.34 -0.60
C LYS C 43 -23.77 -5.92 -0.13
N GLY C 44 -24.84 -5.20 0.24
CA GLY C 44 -24.72 -3.80 0.59
C GLY C 44 -24.47 -3.58 2.06
N LEU C 45 -24.60 -2.32 2.46
CA LEU C 45 -24.45 -1.95 3.86
C LEU C 45 -25.81 -1.90 4.52
N GLU C 46 -25.90 -2.46 5.72
CA GLU C 46 -27.14 -2.48 6.49
C GLU C 46 -26.81 -2.08 7.91
N TRP C 47 -27.47 -1.00 8.38
CA TRP C 47 -27.27 -0.50 9.73
C TRP C 47 -27.83 -1.49 10.74
N VAL C 48 -27.01 -1.89 11.71
CA VAL C 48 -27.42 -2.86 12.72
C VAL C 48 -28.02 -2.16 13.94
N GLY C 49 -27.31 -1.22 14.53
CA GLY C 49 -27.81 -0.55 15.72
C GLY C 49 -26.90 0.57 16.16
N ARG C 50 -27.31 1.22 17.25
CA ARG C 50 -26.77 2.49 17.69
C ARG C 50 -26.87 2.59 19.21
N ILE C 51 -25.90 3.26 19.83
CA ILE C 51 -25.97 3.64 21.23
C ILE C 51 -25.55 5.09 21.38
N LYS C 52 -26.35 5.87 22.11
CA LYS C 52 -26.07 7.28 22.32
C LYS C 52 -25.08 7.45 23.46
N THR C 53 -24.70 8.70 23.73
CA THR C 53 -23.83 8.98 24.86
C THR C 53 -24.53 8.61 26.15
N ASN C 54 -23.74 8.36 27.20
CA ASN C 54 -24.33 8.15 28.52
C ASN C 54 -25.04 9.40 29.01
N THR C 55 -24.54 10.58 28.64
CA THR C 55 -25.22 11.82 28.97
C THR C 55 -26.64 11.85 28.39
N ASP C 56 -26.85 11.21 27.25
CA ASP C 56 -28.16 11.10 26.65
C ASP C 56 -28.90 9.85 27.10
N GLY C 57 -28.47 9.23 28.20
CA GLY C 57 -29.09 8.05 28.76
C GLY C 57 -28.64 6.72 28.19
N GLY C 58 -27.59 6.70 27.37
CA GLY C 58 -27.14 5.46 26.77
C GLY C 58 -28.19 4.72 25.98
N THR C 59 -29.16 5.44 25.43
CA THR C 59 -30.22 4.84 24.61
C THR C 59 -29.62 4.00 23.49
N THR C 60 -30.21 2.81 23.29
CA THR C 60 -29.84 1.93 22.19
C THR C 60 -31.03 1.77 21.25
N ASP C 61 -30.74 1.70 19.96
CA ASP C 61 -31.73 1.43 18.94
C ASP C 61 -31.21 0.34 18.02
N TYR C 62 -32.10 -0.52 17.56
CA TYR C 62 -31.70 -1.67 16.78
C TYR C 62 -32.56 -1.78 15.53
N ALA C 63 -31.95 -2.29 14.46
CA ALA C 63 -32.69 -2.56 13.24
C ALA C 63 -33.59 -3.77 13.44
N ALA C 64 -34.68 -3.81 12.67
CA ALA C 64 -35.69 -4.85 12.80
C ALA C 64 -35.16 -6.28 12.75
N PRO C 65 -34.35 -6.70 11.77
CA PRO C 65 -33.95 -8.12 11.70
C PRO C 65 -33.07 -8.55 12.86
N VAL C 66 -32.77 -7.64 13.78
CA VAL C 66 -31.78 -7.86 14.81
C VAL C 66 -32.29 -7.54 16.21
N LYS C 67 -33.39 -6.81 16.34
CA LYS C 67 -33.94 -6.48 17.65
C LYS C 67 -34.38 -7.74 18.38
N GLY C 68 -34.08 -7.80 19.68
CA GLY C 68 -34.38 -8.95 20.49
C GLY C 68 -33.24 -9.94 20.61
N ARG C 69 -32.29 -9.92 19.69
CA ARG C 69 -31.15 -10.82 19.75
C ARG C 69 -29.81 -10.11 19.93
N PHE C 70 -29.67 -8.87 19.48
CA PHE C 70 -28.42 -8.15 19.57
C PHE C 70 -28.51 -7.05 20.63
N THR C 71 -27.36 -6.77 21.24
CA THR C 71 -27.23 -5.84 22.36
C THR C 71 -25.99 -5.02 22.14
N ILE C 72 -26.12 -3.70 22.24
CA ILE C 72 -24.98 -2.80 22.15
C ILE C 72 -24.74 -2.19 23.52
N SER C 73 -23.48 -2.13 23.93
CA SER C 73 -23.10 -1.48 25.18
C SER C 73 -21.79 -0.73 24.94
N ARG C 74 -21.48 0.16 25.85
CA ARG C 74 -20.30 0.98 25.76
C ARG C 74 -19.60 1.03 27.11
N ASP C 75 -18.28 1.19 27.06
CA ASP C 75 -17.44 1.34 28.24
C ASP C 75 -16.62 2.58 27.98
N ASP C 76 -17.11 3.74 28.43
CA ASP C 76 -16.39 4.98 28.22
C ASP C 76 -15.03 4.98 28.90
N SER C 77 -14.89 4.21 29.99
CA SER C 77 -13.60 4.16 30.68
C SER C 77 -12.53 3.48 29.85
N LYS C 78 -12.89 2.47 29.06
CA LYS C 78 -11.92 1.75 28.23
C LYS C 78 -11.89 2.21 26.78
N ASN C 79 -12.68 3.23 26.43
CA ASN C 79 -12.95 3.56 25.03
C ASN C 79 -13.20 2.30 24.19
N THR C 80 -14.14 1.48 24.66
CA THR C 80 -14.44 0.25 23.94
C THR C 80 -15.95 0.13 23.75
N LEU C 81 -16.33 -0.13 22.51
CA LEU C 81 -17.72 -0.37 22.14
C LEU C 81 -17.91 -1.86 21.90
N TYR C 82 -19.09 -2.36 22.25
CA TYR C 82 -19.37 -3.77 22.13
C TYR C 82 -20.61 -3.98 21.27
N LEU C 83 -20.60 -5.06 20.50
CA LEU C 83 -21.77 -5.55 19.79
C LEU C 83 -21.94 -6.99 20.24
N GLN C 84 -23.05 -7.27 20.88
CA GLN C 84 -23.25 -8.56 21.51
C GLN C 84 -24.39 -9.30 20.81
N MET C 85 -24.03 -10.37 20.12
CA MET C 85 -24.96 -11.07 19.23
C MET C 85 -25.37 -12.38 19.86
N ASN C 86 -26.67 -12.62 19.91
CA ASN C 86 -27.27 -13.82 20.47
C ASN C 86 -28.27 -14.37 19.48
N SER C 87 -28.67 -15.63 19.71
CA SER C 87 -29.60 -16.33 18.82
C SER C 87 -29.20 -16.15 17.37
N LEU C 88 -27.91 -16.36 17.11
CA LEU C 88 -27.35 -16.08 15.79
C LEU C 88 -27.97 -16.97 14.73
N LYS C 89 -28.16 -16.39 13.54
CA LYS C 89 -28.74 -17.05 12.38
C LYS C 89 -27.73 -16.95 11.24
N THR C 90 -27.81 -17.88 10.29
CA THR C 90 -26.82 -17.90 9.22
C THR C 90 -26.86 -16.61 8.42
N GLU C 91 -28.02 -15.95 8.35
CA GLU C 91 -28.16 -14.68 7.63
C GLU C 91 -27.52 -13.52 8.38
N ASP C 92 -26.98 -13.76 9.56
CA ASP C 92 -26.22 -12.75 10.29
C ASP C 92 -24.76 -12.75 9.86
N THR C 93 -24.39 -13.69 8.98
CA THR C 93 -23.02 -13.79 8.50
C THR C 93 -22.68 -12.54 7.68
N ALA C 94 -21.68 -11.79 8.12
CA ALA C 94 -21.37 -10.50 7.52
C ALA C 94 -20.06 -10.00 8.10
N VAL C 95 -19.49 -9.00 7.45
CA VAL C 95 -18.46 -8.17 8.07
C VAL C 95 -19.15 -7.10 8.90
N TYR C 96 -18.76 -6.98 10.16
CA TYR C 96 -19.35 -6.01 11.07
C TYR C 96 -18.38 -4.85 11.29
N TYR C 97 -18.85 -3.64 11.05
CA TYR C 97 -18.09 -2.42 11.26
C TYR C 97 -18.65 -1.65 12.45
N CYS C 98 -17.77 -1.06 13.25
CA CYS C 98 -18.17 0.01 14.15
C CYS C 98 -17.90 1.35 13.46
N THR C 99 -18.78 2.31 13.71
CA THR C 99 -18.70 3.56 12.98
C THR C 99 -19.34 4.66 13.81
N THR C 100 -18.76 5.85 13.72
CA THR C 100 -19.26 6.99 14.47
C THR C 100 -18.89 8.27 13.73
N GLY C 101 -19.60 9.34 14.06
CA GLY C 101 -19.26 10.65 13.58
C GLY C 101 -18.32 11.38 14.53
N GLU C 102 -17.64 12.37 14.00
CA GLU C 102 -16.78 13.21 14.83
C GLU C 102 -17.62 14.00 15.83
N PRO C 103 -17.48 13.77 17.13
CA PRO C 103 -18.33 14.50 18.09
C PRO C 103 -18.05 16.00 18.15
N LEU C 104 -16.88 16.46 17.71
CA LEU C 104 -16.57 17.89 17.78
C LEU C 104 -17.43 18.69 16.82
N VAL C 105 -17.87 18.10 15.71
CA VAL C 105 -18.84 18.74 14.83
C VAL C 105 -20.22 18.09 14.99
N ASN C 106 -20.42 17.34 16.07
CA ASN C 106 -21.74 16.83 16.47
C ASN C 106 -22.37 15.97 15.38
N HIS C 107 -21.55 15.13 14.74
CA HIS C 107 -22.03 14.17 13.76
C HIS C 107 -22.48 12.91 14.50
N ILE C 108 -23.79 12.70 14.56
CA ILE C 108 -24.34 11.51 15.19
C ILE C 108 -24.90 10.51 14.19
N THR C 109 -25.35 10.95 13.02
CA THR C 109 -25.80 10.06 11.96
C THR C 109 -25.06 10.30 10.66
N ILE C 110 -23.95 11.04 10.70
CA ILE C 110 -23.03 11.21 9.58
C ILE C 110 -21.76 10.46 9.96
N LEU C 111 -21.41 9.43 9.19
CA LEU C 111 -20.47 8.40 9.63
C LEU C 111 -19.05 8.72 9.18
N ASP C 112 -18.35 9.53 10.00
CA ASP C 112 -17.00 9.97 9.65
C ASP C 112 -15.98 8.83 9.73
N TYR C 113 -16.08 8.00 10.76
CA TYR C 113 -15.02 7.08 11.15
C TYR C 113 -15.55 5.66 11.12
N TRP C 114 -14.77 4.75 10.52
CA TRP C 114 -15.13 3.34 10.43
C TRP C 114 -13.95 2.49 10.89
N GLY C 115 -14.24 1.38 11.56
CA GLY C 115 -13.22 0.37 11.81
C GLY C 115 -12.97 -0.49 10.58
N GLN C 116 -11.94 -1.33 10.67
CA GLN C 116 -11.59 -2.16 9.51
C GLN C 116 -12.60 -3.28 9.30
N GLY C 117 -13.41 -3.57 10.29
CA GLY C 117 -14.40 -4.63 10.15
C GLY C 117 -13.85 -5.97 10.60
N THR C 118 -14.75 -6.82 11.07
CA THR C 118 -14.39 -8.18 11.42
C THR C 118 -15.50 -9.11 10.95
N LEU C 119 -15.11 -10.29 10.48
CA LEU C 119 -16.05 -11.19 9.82
C LEU C 119 -16.60 -12.19 10.82
N VAL C 120 -17.93 -12.31 10.82
CA VAL C 120 -18.62 -13.28 11.67
C VAL C 120 -19.27 -14.29 10.75
N THR C 121 -18.90 -15.56 10.92
CA THR C 121 -19.44 -16.67 10.14
C THR C 121 -20.32 -17.52 11.04
N VAL C 122 -21.59 -17.63 10.69
CA VAL C 122 -22.57 -18.38 11.47
C VAL C 122 -22.81 -19.68 10.74
N SER C 123 -22.21 -20.76 11.25
CA SER C 123 -22.32 -22.06 10.59
C SER C 123 -22.18 -23.17 11.62
N SER C 124 -22.89 -24.27 11.36
CA SER C 124 -22.72 -25.48 12.16
C SER C 124 -21.46 -26.25 11.76
N ALA C 125 -20.91 -25.97 10.58
CA ALA C 125 -19.65 -26.58 10.17
C ALA C 125 -18.53 -26.22 11.15
N SER C 126 -17.43 -26.95 11.05
CA SER C 126 -16.36 -26.86 12.04
C SER C 126 -15.10 -26.30 11.42
N THR C 127 -14.24 -25.77 12.28
CA THR C 127 -13.00 -25.13 11.83
C THR C 127 -12.09 -26.16 11.18
N LYS C 128 -11.38 -25.73 10.14
CA LYS C 128 -10.32 -26.55 9.56
C LYS C 128 -9.25 -25.63 8.98
N GLY C 129 -8.00 -25.91 9.31
CA GLY C 129 -6.88 -25.20 8.75
C GLY C 129 -6.62 -25.62 7.32
N PRO C 130 -5.95 -24.76 6.55
CA PRO C 130 -5.71 -25.05 5.15
C PRO C 130 -4.47 -25.91 4.93
N SER C 131 -4.47 -26.60 3.80
CA SER C 131 -3.25 -27.13 3.24
C SER C 131 -2.67 -26.10 2.29
N VAL C 132 -1.36 -25.93 2.31
CA VAL C 132 -0.69 -24.97 1.45
C VAL C 132 0.30 -25.73 0.58
N PHE C 133 0.06 -25.67 -0.72
CA PHE C 133 0.79 -26.34 -1.77
C PHE C 133 1.43 -25.30 -2.68
N PRO C 134 2.68 -25.50 -3.09
CA PRO C 134 3.31 -24.52 -3.96
C PRO C 134 2.73 -24.59 -5.36
N LEU C 135 2.90 -23.48 -6.09
CA LEU C 135 2.67 -23.43 -7.52
C LEU C 135 3.97 -22.95 -8.13
N ALA C 136 4.61 -23.79 -8.92
CA ALA C 136 5.93 -23.51 -9.46
C ALA C 136 5.84 -23.55 -10.97
N PRO C 137 6.81 -22.94 -11.69
CA PRO C 137 8.12 -22.42 -11.28
C PRO C 137 8.06 -21.04 -10.66
N GLY C 144 5.99 -10.89 -21.58
CA GLY C 144 6.97 -11.61 -22.38
C GLY C 144 8.24 -11.85 -21.61
N GLY C 145 8.59 -13.12 -21.43
CA GLY C 145 9.73 -13.47 -20.60
C GLY C 145 9.39 -13.44 -19.12
N THR C 146 8.18 -13.85 -18.77
CA THR C 146 7.67 -13.75 -17.41
C THR C 146 7.33 -15.13 -16.88
N ALA C 147 7.74 -15.41 -15.65
CA ALA C 147 7.41 -16.65 -14.98
C ALA C 147 6.27 -16.40 -14.00
N ALA C 148 5.58 -17.47 -13.63
CA ALA C 148 4.55 -17.38 -12.62
C ALA C 148 4.82 -18.44 -11.56
N LEU C 149 4.55 -18.07 -10.31
CA LEU C 149 4.71 -18.98 -9.19
C LEU C 149 3.68 -18.59 -8.15
N GLY C 150 3.51 -19.44 -7.14
CA GLY C 150 2.60 -19.07 -6.08
C GLY C 150 2.34 -20.21 -5.11
N CYS C 151 1.29 -20.00 -4.32
CA CYS C 151 0.84 -20.96 -3.33
C CYS C 151 -0.64 -21.22 -3.53
N LEU C 152 -1.06 -22.45 -3.28
CA LEU C 152 -2.46 -22.82 -3.33
C LEU C 152 -2.90 -23.16 -1.90
N VAL C 153 -3.93 -22.47 -1.42
CA VAL C 153 -4.37 -22.55 -0.04
C VAL C 153 -5.70 -23.27 0.02
N LYS C 154 -5.67 -24.58 0.25
CA LYS C 154 -6.80 -25.45 -0.07
C LYS C 154 -7.45 -25.99 1.20
N ASP C 155 -8.79 -26.09 1.15
CA ASP C 155 -9.59 -26.81 2.14
C ASP C 155 -9.47 -26.20 3.54
N TYR C 156 -10.09 -25.04 3.69
CA TYR C 156 -10.12 -24.38 4.99
C TYR C 156 -11.52 -23.82 5.25
N PHE C 157 -11.81 -23.64 6.52
CA PHE C 157 -13.08 -23.05 6.95
C PHE C 157 -12.95 -22.52 8.38
N PRO C 158 -13.49 -21.33 8.63
CA PRO C 158 -14.18 -20.45 7.68
C PRO C 158 -13.21 -19.47 7.03
N GLU C 159 -13.77 -18.44 6.40
CA GLU C 159 -12.96 -17.33 5.93
C GLU C 159 -12.66 -16.48 7.16
N PRO C 160 -11.57 -15.68 7.11
CA PRO C 160 -10.68 -15.48 5.98
C PRO C 160 -9.33 -16.16 6.16
N VAL C 161 -8.50 -16.08 5.11
CA VAL C 161 -7.08 -16.34 5.20
C VAL C 161 -6.37 -15.08 4.74
N THR C 162 -5.29 -14.71 5.44
CA THR C 162 -4.45 -13.59 5.01
C THR C 162 -3.16 -14.18 4.45
N VAL C 163 -2.86 -13.82 3.21
CA VAL C 163 -1.69 -14.30 2.50
C VAL C 163 -0.77 -13.12 2.21
N SER C 164 0.53 -13.33 2.44
CA SER C 164 1.54 -12.32 2.12
C SER C 164 2.74 -13.04 1.52
N TRP C 165 3.56 -12.29 0.79
CA TRP C 165 4.74 -12.80 0.12
C TRP C 165 6.01 -12.17 0.68
N ASN C 166 6.86 -13.00 1.27
CA ASN C 166 8.16 -12.55 1.80
C ASN C 166 7.98 -11.63 3.01
N SER C 167 7.24 -12.13 3.99
CA SER C 167 7.15 -11.64 5.37
C SER C 167 6.53 -10.28 5.75
N GLY C 168 5.84 -9.48 4.92
CA GLY C 168 5.49 -9.67 3.53
C GLY C 168 5.51 -8.32 2.83
N ALA C 169 6.28 -8.27 1.74
CA ALA C 169 6.51 -7.14 0.82
C ALA C 169 7.95 -7.28 0.31
N LEU C 170 8.21 -7.80 -0.90
CA LEU C 170 7.35 -8.14 -2.04
C LEU C 170 5.81 -8.00 -2.06
N THR C 171 5.35 -7.00 -2.83
CA THR C 171 3.94 -6.77 -3.11
C THR C 171 3.66 -6.53 -4.58
N SER C 172 4.69 -6.33 -5.40
CA SER C 172 4.51 -6.02 -6.81
C SER C 172 4.37 -7.29 -7.61
N GLY C 173 3.46 -7.27 -8.59
CA GLY C 173 3.13 -8.46 -9.35
C GLY C 173 2.38 -9.53 -8.60
N VAL C 174 1.90 -9.25 -7.39
CA VAL C 174 1.17 -10.23 -6.59
C VAL C 174 -0.32 -10.11 -6.89
N HIS C 175 -0.99 -11.25 -6.95
CA HIS C 175 -2.45 -11.32 -7.01
C HIS C 175 -2.90 -12.41 -6.07
N THR C 176 -3.72 -12.05 -5.08
CA THR C 176 -4.36 -13.02 -4.20
C THR C 176 -5.83 -13.09 -4.59
N PHE C 177 -6.27 -14.24 -4.96
CA PHE C 177 -7.60 -14.34 -5.53
C PHE C 177 -8.66 -14.56 -4.46
N PRO C 178 -9.88 -14.07 -4.67
CA PRO C 178 -10.98 -14.40 -3.77
C PRO C 178 -11.08 -15.91 -3.60
N ALA C 179 -11.29 -16.33 -2.35
CA ALA C 179 -11.50 -17.74 -2.09
C ALA C 179 -12.70 -18.25 -2.87
N VAL C 180 -12.68 -19.53 -3.22
CA VAL C 180 -13.81 -20.19 -3.86
C VAL C 180 -14.36 -21.21 -2.87
N LEU C 181 -15.68 -21.33 -2.84
CA LEU C 181 -16.34 -22.31 -1.99
C LEU C 181 -16.54 -23.59 -2.81
N GLN C 182 -15.78 -24.62 -2.47
CA GLN C 182 -15.85 -25.88 -3.18
C GLN C 182 -17.07 -26.67 -2.73
N SER C 183 -17.36 -27.75 -3.47
CA SER C 183 -18.49 -28.61 -3.15
C SER C 183 -18.40 -29.15 -1.74
N SER C 184 -17.18 -29.37 -1.24
CA SER C 184 -16.96 -29.90 0.09
C SER C 184 -17.49 -28.98 1.20
N GLY C 185 -17.74 -27.72 0.91
CA GLY C 185 -18.01 -26.74 1.93
C GLY C 185 -16.79 -26.11 2.55
N LEU C 186 -15.61 -26.33 1.97
CA LEU C 186 -14.39 -25.67 2.38
C LEU C 186 -13.94 -24.70 1.29
N TYR C 187 -13.11 -23.75 1.69
CA TYR C 187 -12.64 -22.69 0.81
C TYR C 187 -11.26 -23.03 0.27
N SER C 188 -10.99 -22.55 -0.94
CA SER C 188 -9.70 -22.67 -1.57
C SER C 188 -9.38 -21.37 -2.30
N LEU C 189 -8.20 -20.80 -2.07
CA LEU C 189 -7.73 -19.66 -2.85
C LEU C 189 -6.29 -19.90 -3.30
N SER C 190 -5.82 -18.99 -4.15
CA SER C 190 -4.47 -19.03 -4.69
C SER C 190 -3.86 -17.63 -4.68
N SER C 191 -2.53 -17.58 -4.66
CA SER C 191 -1.79 -16.32 -4.70
C SER C 191 -0.56 -16.51 -5.59
N VAL C 192 -0.26 -15.52 -6.44
CA VAL C 192 0.74 -15.68 -7.51
C VAL C 192 1.61 -14.43 -7.66
N VAL C 193 2.82 -14.63 -8.21
CA VAL C 193 3.75 -13.54 -8.55
C VAL C 193 4.62 -13.94 -9.76
N THR C 194 5.66 -13.16 -10.10
CA THR C 194 6.20 -13.14 -11.48
C THR C 194 7.72 -12.93 -11.57
N VAL C 195 8.19 -12.91 -12.82
CA VAL C 195 9.53 -12.64 -13.40
C VAL C 195 10.48 -13.83 -13.25
N PRO C 196 11.47 -14.01 -14.18
CA PRO C 196 12.44 -15.11 -14.07
C PRO C 196 13.72 -14.68 -13.36
N SER C 197 13.84 -15.03 -12.08
CA SER C 197 14.89 -14.47 -11.23
C SER C 197 15.33 -15.55 -10.25
N SER C 198 16.30 -15.18 -9.42
CA SER C 198 16.73 -16.02 -8.30
C SER C 198 17.24 -17.37 -8.76
N THR C 204 13.87 -16.97 -2.69
CA THR C 204 13.55 -15.54 -2.65
C THR C 204 12.05 -15.34 -2.49
N TYR C 205 11.28 -16.43 -2.56
CA TYR C 205 9.83 -16.33 -2.63
C TYR C 205 9.23 -17.27 -1.58
N ILE C 206 8.67 -16.66 -0.54
CA ILE C 206 8.03 -17.36 0.56
C ILE C 206 6.62 -16.81 0.65
N CYS C 207 5.63 -17.69 0.71
CA CYS C 207 4.26 -17.25 0.91
C CYS C 207 3.93 -17.47 2.37
N ASN C 208 3.40 -16.43 3.01
CA ASN C 208 3.08 -16.46 4.42
C ASN C 208 1.57 -16.57 4.49
N VAL C 209 1.09 -17.78 4.71
CA VAL C 209 -0.32 -18.07 4.78
C VAL C 209 -0.72 -18.06 6.24
N ASN C 210 -1.90 -17.53 6.53
CA ASN C 210 -2.35 -17.59 7.90
C ASN C 210 -3.87 -17.67 8.00
N HIS C 211 -4.35 -18.65 8.76
CA HIS C 211 -5.77 -18.87 8.97
C HIS C 211 -6.02 -18.78 10.48
N LYS C 212 -6.42 -17.60 10.92
CA LYS C 212 -6.50 -17.35 12.36
C LYS C 212 -7.56 -18.19 13.10
N PRO C 213 -8.72 -18.59 12.48
CA PRO C 213 -9.68 -19.44 13.19
C PRO C 213 -9.15 -20.80 13.62
N SER C 214 -8.06 -21.24 13.02
CA SER C 214 -7.50 -22.56 13.27
C SER C 214 -6.06 -22.48 13.75
N ASN C 215 -5.59 -21.27 14.06
CA ASN C 215 -4.22 -21.03 14.51
C ASN C 215 -3.19 -21.66 13.58
N THR C 216 -3.57 -21.91 12.33
CA THR C 216 -2.64 -22.32 11.29
C THR C 216 -1.83 -21.12 10.82
N LYS C 217 -0.51 -21.26 10.83
CA LYS C 217 0.40 -20.19 10.39
C LYS C 217 1.55 -20.89 9.68
N VAL C 218 1.51 -20.89 8.36
CA VAL C 218 2.44 -21.66 7.54
C VAL C 218 3.20 -20.70 6.63
N ASP C 219 4.50 -20.94 6.47
CA ASP C 219 5.34 -20.25 5.51
C ASP C 219 5.89 -21.31 4.55
N LYS C 220 5.41 -21.29 3.30
CA LYS C 220 5.78 -22.28 2.31
C LYS C 220 6.72 -21.65 1.30
N LYS C 221 7.85 -22.30 1.06
CA LYS C 221 8.86 -21.81 0.12
C LYS C 221 8.61 -22.44 -1.25
N VAL C 222 8.43 -21.58 -2.26
CA VAL C 222 8.14 -22.02 -3.62
C VAL C 222 9.44 -21.96 -4.41
N GLU C 223 9.87 -23.11 -4.91
CA GLU C 223 11.09 -23.23 -5.71
C GLU C 223 10.79 -24.03 -6.96
N PRO C 224 11.60 -23.86 -8.02
CA PRO C 224 11.42 -24.65 -9.25
C PRO C 224 11.80 -26.11 -9.02
N GLU D 1 2.31 -6.22 -17.54
CA GLU D 1 3.06 -5.11 -16.94
C GLU D 1 4.55 -5.26 -17.21
N VAL D 2 5.26 -4.13 -17.19
CA VAL D 2 6.70 -4.10 -17.34
C VAL D 2 7.33 -4.31 -15.98
N GLN D 3 8.37 -5.16 -15.91
CA GLN D 3 9.04 -5.46 -14.65
C GLN D 3 10.54 -5.42 -14.86
N LEU D 4 11.22 -4.60 -14.05
CA LEU D 4 12.68 -4.57 -13.95
C LEU D 4 13.04 -4.90 -12.52
N VAL D 5 13.68 -6.04 -12.31
CA VAL D 5 14.02 -6.53 -10.97
C VAL D 5 15.54 -6.61 -10.87
N GLU D 6 16.10 -5.93 -9.87
CA GLU D 6 17.54 -5.79 -9.70
C GLU D 6 18.02 -6.62 -8.51
N SER D 7 19.29 -7.01 -8.56
CA SER D 7 19.87 -7.85 -7.52
C SER D 7 21.37 -7.68 -7.49
N GLY D 8 22.00 -8.26 -6.46
CA GLY D 8 23.44 -8.26 -6.32
C GLY D 8 24.00 -7.16 -5.44
N GLY D 9 23.17 -6.23 -4.98
CA GLY D 9 23.68 -5.17 -4.13
C GLY D 9 24.10 -5.68 -2.76
N GLY D 10 24.95 -4.89 -2.11
CA GLY D 10 25.42 -5.23 -0.79
C GLY D 10 26.70 -4.47 -0.45
N LEU D 11 27.41 -4.99 0.54
CA LEU D 11 28.61 -4.38 1.07
C LEU D 11 29.85 -4.86 0.32
N VAL D 12 30.80 -3.94 0.11
CA VAL D 12 32.08 -4.25 -0.51
C VAL D 12 33.08 -3.21 -0.07
N LYS D 13 34.34 -3.62 0.09
CA LYS D 13 35.30 -2.66 0.61
C LYS D 13 35.93 -1.86 -0.53
N PRO D 14 36.54 -0.71 -0.23
CA PRO D 14 37.15 0.10 -1.28
C PRO D 14 38.16 -0.68 -2.11
N GLY D 15 38.04 -0.58 -3.43
CA GLY D 15 38.89 -1.32 -4.32
C GLY D 15 38.38 -2.69 -4.71
N GLY D 16 37.28 -3.14 -4.14
CA GLY D 16 36.71 -4.43 -4.45
C GLY D 16 35.83 -4.37 -5.68
N SER D 17 35.12 -5.46 -5.92
CA SER D 17 34.26 -5.58 -7.08
C SER D 17 32.88 -6.08 -6.65
N LEU D 18 31.89 -5.74 -7.47
CA LEU D 18 30.52 -6.17 -7.23
C LEU D 18 29.74 -6.02 -8.52
N ARG D 19 28.97 -7.04 -8.87
CA ARG D 19 28.23 -7.11 -10.12
C ARG D 19 26.74 -7.04 -9.82
N LEU D 20 26.06 -6.07 -10.42
CA LEU D 20 24.62 -5.95 -10.30
C LEU D 20 23.96 -6.57 -11.52
N SER D 21 22.79 -7.17 -11.30
CA SER D 21 21.96 -7.72 -12.36
C SER D 21 20.62 -7.00 -12.39
N CYS D 22 19.98 -7.06 -13.54
CA CYS D 22 18.64 -6.47 -13.74
C CYS D 22 17.87 -7.41 -14.64
N ALA D 23 16.83 -8.04 -14.12
CA ALA D 23 16.02 -8.99 -14.87
C ALA D 23 14.76 -8.29 -15.35
N ALA D 24 14.50 -8.39 -16.66
CA ALA D 24 13.43 -7.63 -17.28
C ALA D 24 12.34 -8.56 -17.82
N SER D 25 11.11 -8.07 -17.76
CA SER D 25 9.98 -8.70 -18.40
C SER D 25 9.00 -7.62 -18.84
N GLY D 26 8.14 -7.96 -19.80
CA GLY D 26 7.06 -7.11 -20.21
C GLY D 26 7.31 -6.24 -21.42
N PHE D 27 8.46 -6.40 -22.08
CA PHE D 27 8.77 -5.65 -23.29
C PHE D 27 9.86 -6.40 -24.03
N THR D 28 10.13 -5.96 -25.26
CA THR D 28 11.18 -6.59 -26.07
C THR D 28 12.52 -6.09 -25.55
N PHE D 29 13.18 -6.95 -24.77
CA PHE D 29 14.47 -6.62 -24.17
C PHE D 29 15.50 -6.24 -25.23
N SER D 30 15.52 -6.94 -26.35
CA SER D 30 16.57 -6.77 -27.36
C SER D 30 16.49 -5.44 -28.10
N ASN D 31 15.33 -4.78 -28.09
CA ASN D 31 15.20 -3.49 -28.76
C ASN D 31 15.44 -2.31 -27.84
N ALA D 32 15.70 -2.55 -26.55
CA ALA D 32 15.82 -1.48 -25.57
C ALA D 32 17.28 -1.07 -25.39
N TRP D 33 17.49 0.23 -25.21
CA TRP D 33 18.74 0.75 -24.69
C TRP D 33 18.64 0.84 -23.18
N PHE D 34 19.58 0.22 -22.48
CA PHE D 34 19.50 0.14 -21.03
C PHE D 34 20.44 1.14 -20.38
N ASN D 35 19.96 1.74 -19.28
CA ASN D 35 20.74 2.69 -18.51
C ASN D 35 20.82 2.22 -17.06
N TRP D 36 21.90 2.62 -16.39
CA TRP D 36 22.00 2.55 -14.95
C TRP D 36 22.04 3.98 -14.42
N VAL D 37 21.18 4.26 -13.43
CA VAL D 37 21.15 5.55 -12.76
C VAL D 37 21.30 5.29 -11.28
N ARG D 38 22.15 6.08 -10.62
CA ARG D 38 22.43 5.87 -9.22
C ARG D 38 22.05 7.12 -8.43
N GLN D 39 21.89 6.93 -7.13
CA GLN D 39 21.39 7.99 -6.25
C GLN D 39 22.08 7.82 -4.90
N ALA D 40 23.06 8.70 -4.63
CA ALA D 40 23.72 8.69 -3.33
C ALA D 40 22.70 8.98 -2.24
N PRO D 41 22.90 8.44 -1.03
CA PRO D 41 21.90 8.61 0.04
C PRO D 41 21.61 10.07 0.31
N GLY D 42 20.33 10.44 0.22
CA GLY D 42 19.91 11.81 0.39
C GLY D 42 20.41 12.77 -0.66
N LYS D 43 20.78 12.28 -1.85
CA LYS D 43 21.22 13.12 -2.94
C LYS D 43 20.35 12.86 -4.17
N GLY D 44 20.77 13.41 -5.31
CA GLY D 44 19.98 13.37 -6.52
C GLY D 44 20.28 12.15 -7.37
N LEU D 45 19.76 12.17 -8.59
CA LEU D 45 19.96 11.10 -9.55
C LEU D 45 21.13 11.43 -10.46
N GLU D 46 21.99 10.43 -10.70
CA GLU D 46 23.17 10.59 -11.54
C GLU D 46 23.23 9.43 -12.52
N TRP D 47 23.24 9.75 -13.81
CA TRP D 47 23.33 8.73 -14.85
C TRP D 47 24.71 8.08 -14.82
N VAL D 48 24.72 6.75 -14.74
CA VAL D 48 25.96 5.98 -14.61
C VAL D 48 26.53 5.60 -15.96
N GLY D 49 25.71 4.91 -16.76
CA GLY D 49 26.18 4.40 -18.03
C GLY D 49 25.03 3.79 -18.80
N ARG D 50 25.36 3.27 -19.97
CA ARG D 50 24.37 2.94 -20.98
C ARG D 50 24.92 1.83 -21.87
N ILE D 51 24.04 0.97 -22.38
CA ILE D 51 24.39 0.06 -23.45
C ILE D 51 23.30 0.07 -24.51
N LYS D 52 23.70 0.19 -25.78
CA LYS D 52 22.74 0.18 -26.87
C LYS D 52 22.41 -1.27 -27.24
N THR D 53 21.51 -1.42 -28.21
CA THR D 53 21.15 -2.74 -28.70
C THR D 53 22.34 -3.44 -29.34
N ASN D 54 22.28 -4.77 -29.39
CA ASN D 54 23.30 -5.52 -30.10
C ASN D 54 23.29 -5.17 -31.59
N THR D 55 22.12 -4.88 -32.14
CA THR D 55 22.02 -4.42 -33.53
C THR D 55 22.81 -3.14 -33.76
N ASP D 56 22.92 -2.28 -32.74
CA ASP D 56 23.73 -1.08 -32.84
C ASP D 56 25.16 -1.31 -32.38
N GLY D 57 25.60 -2.56 -32.32
CA GLY D 57 26.95 -2.87 -31.93
C GLY D 57 27.21 -2.96 -30.45
N GLY D 58 26.16 -2.98 -29.63
CA GLY D 58 26.35 -3.05 -28.18
C GLY D 58 27.20 -1.93 -27.63
N THR D 59 27.18 -0.77 -28.29
CA THR D 59 27.94 0.39 -27.82
C THR D 59 27.62 0.69 -26.37
N THR D 60 28.67 0.98 -25.60
CA THR D 60 28.54 1.39 -24.21
C THR D 60 29.06 2.81 -24.05
N ASP D 61 28.40 3.56 -23.17
CA ASP D 61 28.81 4.90 -22.81
C ASP D 61 28.76 5.01 -21.29
N TYR D 62 29.71 5.74 -20.71
CA TYR D 62 29.83 5.83 -19.28
C TYR D 62 30.03 7.27 -18.83
N ALA D 63 29.56 7.56 -17.62
CA ALA D 63 29.76 8.87 -17.03
C ALA D 63 31.22 9.05 -16.64
N ALA D 64 31.65 10.31 -16.62
CA ALA D 64 33.05 10.65 -16.33
C ALA D 64 33.58 10.07 -15.02
N PRO D 65 32.92 10.25 -13.86
CA PRO D 65 33.54 9.80 -12.61
C PRO D 65 33.64 8.29 -12.47
N VAL D 66 33.15 7.52 -13.45
CA VAL D 66 33.04 6.09 -13.29
C VAL D 66 33.63 5.37 -14.50
N LYS D 67 33.90 6.13 -15.56
CA LYS D 67 34.42 5.56 -16.80
C LYS D 67 35.77 4.90 -16.55
N GLY D 68 35.96 3.72 -17.13
CA GLY D 68 37.17 2.94 -16.94
C GLY D 68 37.09 1.90 -15.83
N ARG D 69 36.14 2.04 -14.91
CA ARG D 69 36.00 1.10 -13.80
C ARG D 69 34.73 0.28 -13.85
N PHE D 70 33.69 0.76 -14.53
CA PHE D 70 32.45 0.03 -14.64
C PHE D 70 32.27 -0.52 -16.04
N THR D 71 31.61 -1.66 -16.13
CA THR D 71 31.42 -2.40 -17.37
C THR D 71 29.96 -2.82 -17.39
N ILE D 72 29.28 -2.44 -18.46
CA ILE D 72 27.88 -2.79 -18.67
C ILE D 72 27.82 -3.80 -19.79
N SER D 73 27.03 -4.84 -19.59
CA SER D 73 26.81 -5.85 -20.62
C SER D 73 25.35 -6.25 -20.57
N ARG D 74 24.91 -6.92 -21.63
CA ARG D 74 23.53 -7.34 -21.76
C ARG D 74 23.48 -8.78 -22.25
N ASP D 75 22.43 -9.48 -21.86
CA ASP D 75 22.15 -10.85 -22.29
C ASP D 75 20.72 -10.88 -22.79
N ASP D 76 20.55 -10.68 -24.10
CA ASP D 76 19.22 -10.67 -24.70
C ASP D 76 18.51 -12.01 -24.55
N SER D 77 19.26 -13.11 -24.46
CA SER D 77 18.64 -14.43 -24.34
C SER D 77 17.97 -14.60 -22.98
N LYS D 78 18.55 -14.04 -21.93
CA LYS D 78 18.01 -14.16 -20.58
C LYS D 78 17.21 -12.94 -20.13
N ASN D 79 17.07 -11.94 -20.98
CA ASN D 79 16.56 -10.61 -20.61
C ASN D 79 17.16 -10.13 -19.29
N THR D 80 18.49 -10.10 -19.25
CA THR D 80 19.20 -9.63 -18.07
C THR D 80 20.29 -8.63 -18.45
N LEU D 81 20.32 -7.51 -17.74
CA LEU D 81 21.34 -6.48 -17.89
C LEU D 81 22.28 -6.55 -16.70
N TYR D 82 23.56 -6.27 -16.94
CA TYR D 82 24.56 -6.36 -15.89
C TYR D 82 25.32 -5.04 -15.77
N LEU D 83 25.70 -4.71 -14.53
CA LEU D 83 26.62 -3.61 -14.27
C LEU D 83 27.78 -4.14 -13.43
N GLN D 84 28.95 -4.26 -14.05
CA GLN D 84 30.15 -4.72 -13.36
C GLN D 84 30.90 -3.51 -12.82
N MET D 85 31.12 -3.48 -11.51
CA MET D 85 31.81 -2.38 -10.87
C MET D 85 33.13 -2.87 -10.28
N ASN D 86 34.21 -2.18 -10.61
CA ASN D 86 35.54 -2.52 -10.13
C ASN D 86 36.18 -1.29 -9.53
N SER D 87 37.24 -1.52 -8.76
CA SER D 87 37.95 -0.45 -8.05
C SER D 87 36.96 0.47 -7.34
N LEU D 88 36.01 -0.18 -6.65
CA LEU D 88 34.92 0.56 -6.03
C LEU D 88 35.45 1.49 -4.95
N LYS D 89 34.75 2.60 -4.86
CA LYS D 89 35.28 3.86 -4.37
C LYS D 89 34.23 4.33 -3.37
N THR D 90 34.64 5.03 -2.30
CA THR D 90 33.65 5.26 -1.24
C THR D 90 32.49 6.08 -1.77
N GLU D 91 32.76 6.93 -2.74
CA GLU D 91 31.75 7.77 -3.36
C GLU D 91 30.87 7.03 -4.35
N ASP D 92 31.08 5.73 -4.54
CA ASP D 92 30.21 4.93 -5.39
C ASP D 92 29.01 4.39 -4.64
N THR D 93 28.94 4.63 -3.32
CA THR D 93 27.84 4.16 -2.50
C THR D 93 26.55 4.87 -2.90
N ALA D 94 25.56 4.11 -3.33
CA ALA D 94 24.31 4.65 -3.85
C ALA D 94 23.33 3.50 -4.04
N VAL D 95 22.07 3.85 -4.23
CA VAL D 95 21.10 2.92 -4.80
C VAL D 95 21.25 2.95 -6.31
N TYR D 96 21.39 1.78 -6.92
CA TYR D 96 21.58 1.67 -8.36
C TYR D 96 20.29 1.18 -9.00
N TYR D 97 19.78 1.93 -9.97
CA TYR D 97 18.59 1.59 -10.73
C TYR D 97 18.98 1.21 -12.15
N CYS D 98 18.29 0.20 -12.69
CA CYS D 98 18.28 -0.01 -14.13
C CYS D 98 17.01 0.64 -14.68
N THR D 99 17.14 1.24 -15.86
CA THR D 99 16.05 2.02 -16.41
C THR D 99 16.21 2.11 -17.92
N THR D 100 15.07 2.06 -18.62
CA THR D 100 15.06 2.13 -20.07
C THR D 100 13.71 2.69 -20.51
N GLY D 101 13.66 3.16 -21.76
CA GLY D 101 12.40 3.57 -22.34
C GLY D 101 11.71 2.44 -23.07
N GLU D 102 10.40 2.60 -23.26
CA GLU D 102 9.62 1.65 -24.04
C GLU D 102 10.09 1.64 -25.49
N PRO D 103 10.64 0.53 -25.99
CA PRO D 103 11.15 0.53 -27.37
C PRO D 103 10.07 0.64 -28.44
N LEU D 104 8.81 0.35 -28.11
CA LEU D 104 7.75 0.40 -29.11
C LEU D 104 7.47 1.82 -29.60
N VAL D 105 7.70 2.82 -28.76
CA VAL D 105 7.70 4.21 -29.18
C VAL D 105 9.11 4.77 -29.22
N ASN D 106 10.11 3.88 -29.23
CA ASN D 106 11.50 4.23 -29.50
C ASN D 106 12.07 5.23 -28.50
N HIS D 107 11.73 5.05 -27.23
CA HIS D 107 12.31 5.87 -26.16
C HIS D 107 13.66 5.28 -25.78
N ILE D 108 14.73 5.97 -26.16
CA ILE D 108 16.08 5.54 -25.81
C ILE D 108 16.71 6.40 -24.72
N THR D 109 16.31 7.67 -24.60
CA THR D 109 16.79 8.54 -23.53
C THR D 109 15.65 9.14 -22.73
N ILE D 110 14.43 8.62 -22.92
CA ILE D 110 13.27 8.95 -22.09
C ILE D 110 12.97 7.73 -21.24
N LEU D 111 13.07 7.87 -19.92
CA LEU D 111 13.18 6.72 -19.01
C LEU D 111 11.80 6.29 -18.51
N ASP D 112 11.15 5.45 -19.32
CA ASP D 112 9.80 5.00 -19.00
C ASP D 112 9.77 4.07 -17.79
N TYR D 113 10.72 3.16 -17.70
CA TYR D 113 10.66 2.02 -16.81
C TYR D 113 11.82 2.04 -15.83
N TRP D 114 11.54 1.80 -14.55
CA TRP D 114 12.56 1.74 -13.52
C TRP D 114 12.41 0.47 -12.71
N GLY D 115 13.54 -0.12 -12.33
CA GLY D 115 13.52 -1.14 -11.31
C GLY D 115 13.43 -0.54 -9.92
N GLN D 116 13.25 -1.39 -8.92
CA GLN D 116 13.12 -0.92 -7.55
C GLN D 116 14.44 -0.43 -6.96
N GLY D 117 15.57 -0.80 -7.57
CA GLY D 117 16.86 -0.34 -7.07
C GLY D 117 17.48 -1.30 -6.08
N THR D 118 18.80 -1.28 -6.02
CA THR D 118 19.54 -2.05 -5.04
C THR D 118 20.69 -1.19 -4.52
N LEU D 119 20.97 -1.30 -3.22
CA LEU D 119 21.91 -0.39 -2.59
C LEU D 119 23.29 -1.03 -2.54
N VAL D 120 24.30 -0.25 -2.93
CA VAL D 120 25.69 -0.67 -2.90
C VAL D 120 26.39 0.18 -1.84
N THR D 121 26.95 -0.48 -0.84
CA THR D 121 27.67 0.19 0.24
C THR D 121 29.16 -0.12 0.12
N VAL D 122 29.95 0.92 -0.10
CA VAL D 122 31.40 0.79 -0.24
C VAL D 122 32.02 1.34 1.03
N SER D 123 32.48 0.43 1.90
CA SER D 123 33.06 0.82 3.17
C SER D 123 34.06 -0.25 3.59
N SER D 124 35.12 0.19 4.26
CA SER D 124 36.06 -0.77 4.84
C SER D 124 35.48 -1.43 6.08
N ALA D 125 34.42 -0.86 6.65
CA ALA D 125 33.73 -1.45 7.79
C ALA D 125 33.17 -2.83 7.43
N SER D 126 32.78 -3.56 8.47
CA SER D 126 32.39 -4.95 8.35
C SER D 126 30.93 -5.16 8.75
N THR D 127 30.37 -6.27 8.27
CA THR D 127 28.97 -6.63 8.49
C THR D 127 28.69 -6.93 9.96
N LYS D 128 27.48 -6.59 10.40
CA LYS D 128 26.97 -7.00 11.71
C LYS D 128 25.46 -7.13 11.64
N GLY D 129 24.93 -8.23 12.19
CA GLY D 129 23.51 -8.41 12.33
C GLY D 129 22.94 -7.56 13.46
N PRO D 130 21.65 -7.26 13.40
CA PRO D 130 21.02 -6.42 14.42
C PRO D 130 20.54 -7.19 15.64
N SER D 131 20.47 -6.47 16.75
CA SER D 131 19.68 -6.90 17.90
C SER D 131 18.29 -6.30 17.78
N VAL D 132 17.28 -7.08 18.17
CA VAL D 132 15.89 -6.65 18.08
C VAL D 132 15.30 -6.65 19.49
N PHE D 133 14.88 -5.48 19.97
CA PHE D 133 14.38 -5.31 21.32
C PHE D 133 12.94 -4.79 21.32
N PRO D 134 12.07 -5.32 22.17
CA PRO D 134 10.67 -4.87 22.22
C PRO D 134 10.49 -3.50 22.85
N LEU D 135 9.32 -2.89 22.56
CA LEU D 135 8.92 -1.64 23.20
C LEU D 135 7.54 -1.77 23.84
N ALA D 136 7.45 -1.58 25.14
CA ALA D 136 6.22 -1.80 25.89
C ALA D 136 5.73 -0.60 26.72
N PRO D 137 4.45 -0.59 27.16
CA PRO D 137 3.39 -1.61 27.08
C PRO D 137 2.58 -1.61 25.81
N GLY D 144 -6.21 10.36 21.48
CA GLY D 144 -6.60 10.35 22.87
C GLY D 144 -6.98 8.96 23.34
N GLY D 145 -6.26 8.45 24.34
CA GLY D 145 -6.49 7.09 24.80
C GLY D 145 -5.81 6.05 23.93
N THR D 146 -4.59 6.33 23.47
CA THR D 146 -3.89 5.51 22.49
C THR D 146 -2.63 4.94 23.13
N ALA D 147 -2.39 3.66 22.88
CA ALA D 147 -1.18 2.99 23.38
C ALA D 147 -0.13 2.95 22.28
N ALA D 148 1.12 2.76 22.69
CA ALA D 148 2.22 2.63 21.75
C ALA D 148 3.05 1.39 22.08
N LEU D 149 3.52 0.71 21.03
CA LEU D 149 4.43 -0.43 21.18
C LEU D 149 5.30 -0.48 19.94
N GLY D 150 6.31 -1.33 19.97
CA GLY D 150 7.12 -1.53 18.78
C GLY D 150 8.36 -2.36 19.07
N CYS D 151 9.27 -2.34 18.09
CA CYS D 151 10.56 -3.01 18.15
C CYS D 151 11.66 -2.03 17.82
N LEU D 152 12.81 -2.18 18.48
CA LEU D 152 13.98 -1.38 18.17
C LEU D 152 15.03 -2.32 17.57
N VAL D 153 15.49 -1.98 16.36
CA VAL D 153 16.34 -2.84 15.54
C VAL D 153 17.70 -2.16 15.50
N LYS D 154 18.59 -2.59 16.38
CA LYS D 154 19.76 -1.80 16.78
C LYS D 154 21.07 -2.43 16.33
N ASP D 155 22.01 -1.58 15.91
CA ASP D 155 23.41 -1.94 15.71
C ASP D 155 23.58 -2.97 14.59
N TYR D 156 23.37 -2.50 13.36
CA TYR D 156 23.56 -3.36 12.20
C TYR D 156 24.26 -2.60 11.08
N PHE D 157 24.90 -3.37 10.21
CA PHE D 157 25.58 -2.82 9.04
C PHE D 157 25.78 -3.93 8.01
N PRO D 158 25.52 -3.63 6.73
CA PRO D 158 25.02 -2.32 6.30
C PRO D 158 23.49 -2.23 6.27
N GLU D 159 22.97 -1.15 5.70
CA GLU D 159 21.54 -1.03 5.44
C GLU D 159 21.34 -1.79 4.13
N PRO D 160 20.14 -2.35 3.88
CA PRO D 160 18.92 -2.23 4.68
C PRO D 160 18.52 -3.39 5.57
N VAL D 161 17.50 -3.08 6.37
CA VAL D 161 16.68 -4.06 7.05
C VAL D 161 15.26 -3.81 6.62
N THR D 162 14.52 -4.89 6.38
CA THR D 162 13.09 -4.81 6.12
C THR D 162 12.38 -5.32 7.37
N VAL D 163 11.56 -4.45 7.96
CA VAL D 163 10.80 -4.77 9.16
C VAL D 163 9.34 -4.72 8.80
N SER D 164 8.59 -5.73 9.24
CA SER D 164 7.15 -5.73 9.07
C SER D 164 6.52 -6.32 10.32
N TRP D 165 5.22 -6.12 10.46
CA TRP D 165 4.58 -6.63 11.62
C TRP D 165 3.98 -7.97 11.29
N ASN D 166 3.28 -8.07 10.16
CA ASN D 166 2.71 -9.32 9.69
C ASN D 166 2.39 -9.24 8.20
N ALA D 169 -0.82 -9.63 8.59
CA ALA D 169 0.14 -8.54 8.61
C ALA D 169 -0.52 -7.26 9.00
N LEU D 170 0.13 -6.50 9.85
CA LEU D 170 -0.41 -5.26 10.34
C LEU D 170 0.13 -4.09 9.59
N THR D 171 -0.73 -3.18 9.19
CA THR D 171 -0.29 -2.01 8.46
C THR D 171 -0.75 -0.65 9.00
N SER D 172 -1.80 -0.60 9.83
CA SER D 172 -2.37 0.68 10.26
C SER D 172 -1.71 1.20 11.54
N GLY D 173 -1.54 2.52 11.62
CA GLY D 173 -0.89 3.12 12.77
C GLY D 173 0.59 2.84 12.87
N VAL D 174 1.20 2.29 11.84
CA VAL D 174 2.60 1.89 11.83
C VAL D 174 3.46 3.07 11.39
N HIS D 175 4.62 3.22 12.03
CA HIS D 175 5.65 4.13 11.56
C HIS D 175 7.00 3.45 11.72
N THR D 176 7.71 3.26 10.61
CA THR D 176 9.06 2.74 10.63
C THR D 176 10.02 3.89 10.38
N PHE D 177 10.88 4.08 11.28
CA PHE D 177 11.65 5.30 11.12
C PHE D 177 12.90 5.02 10.29
N PRO D 178 13.32 6.00 9.49
CA PRO D 178 14.62 5.87 8.81
C PRO D 178 15.70 5.56 9.82
N ALA D 179 16.56 4.60 9.48
CA ALA D 179 17.67 4.27 10.36
C ALA D 179 18.55 5.48 10.59
N VAL D 180 19.18 5.50 11.76
CA VAL D 180 20.14 6.53 12.11
C VAL D 180 21.51 5.89 12.18
N LEU D 181 22.53 6.61 11.71
CA LEU D 181 23.89 6.11 11.76
C LEU D 181 24.45 6.54 13.11
N GLN D 182 24.64 5.58 14.01
CA GLN D 182 25.14 5.94 15.33
C GLN D 182 26.63 6.24 15.26
N SER D 183 27.17 6.69 16.40
CA SER D 183 28.57 7.06 16.46
C SER D 183 29.48 5.94 15.98
N SER D 184 29.06 4.68 16.19
CA SER D 184 29.83 3.50 15.78
C SER D 184 30.02 3.41 14.28
N GLY D 185 29.14 4.06 13.52
CA GLY D 185 29.00 3.72 12.14
C GLY D 185 28.05 2.58 11.88
N LEU D 186 27.23 2.19 12.86
CA LEU D 186 26.18 1.18 12.69
C LEU D 186 24.81 1.83 12.71
N TYR D 187 23.83 1.12 12.16
CA TYR D 187 22.49 1.67 12.01
C TYR D 187 21.58 1.20 13.15
N SER D 188 20.64 2.06 13.51
CA SER D 188 19.60 1.75 14.48
C SER D 188 18.30 2.37 13.98
N LEU D 189 17.24 1.59 13.90
CA LEU D 189 15.93 2.13 13.58
C LEU D 189 14.89 1.57 14.53
N SER D 190 13.68 2.13 14.44
CA SER D 190 12.57 1.74 15.29
C SER D 190 11.29 1.62 14.47
N SER D 191 10.34 0.85 14.99
CA SER D 191 9.03 0.64 14.39
C SER D 191 7.99 0.63 15.49
N VAL D 192 6.82 1.26 15.24
CA VAL D 192 5.81 1.51 16.26
C VAL D 192 4.40 1.28 15.72
N VAL D 193 3.44 1.01 16.64
CA VAL D 193 2.01 0.90 16.31
C VAL D 193 1.18 1.45 17.49
N THR D 194 -0.15 1.28 17.48
CA THR D 194 -1.01 2.15 18.30
C THR D 194 -2.27 1.45 18.83
N VAL D 195 -2.99 2.22 19.66
CA VAL D 195 -4.30 2.04 20.31
C VAL D 195 -4.23 1.00 21.43
N PRO D 196 -5.17 1.02 22.42
CA PRO D 196 -5.12 0.01 23.48
C PRO D 196 -6.09 -1.14 23.25
N SER D 197 -5.54 -2.31 22.95
CA SER D 197 -6.34 -3.46 22.56
C SER D 197 -5.66 -4.70 23.08
N SER D 198 -6.33 -5.83 22.92
CA SER D 198 -5.72 -7.14 23.18
C SER D 198 -5.13 -7.25 24.57
N THR D 204 -0.49 -10.34 20.09
CA THR D 204 -1.21 -9.71 18.99
C THR D 204 -0.28 -8.88 18.09
N TYR D 205 0.96 -8.67 18.55
CA TYR D 205 1.87 -7.76 17.86
C TYR D 205 3.27 -8.37 17.80
N ILE D 206 3.69 -8.77 16.60
CA ILE D 206 5.01 -9.35 16.35
C ILE D 206 5.68 -8.54 15.24
N CYS D 207 6.94 -8.19 15.45
CA CYS D 207 7.74 -7.53 14.44
C CYS D 207 8.69 -8.55 13.82
N ASN D 208 8.71 -8.61 12.49
CA ASN D 208 9.58 -9.51 11.74
C ASN D 208 10.64 -8.67 11.03
N VAL D 209 11.85 -8.67 11.58
CA VAL D 209 12.98 -7.97 11.00
C VAL D 209 13.83 -8.97 10.22
N ASN D 210 14.39 -8.54 9.10
CA ASN D 210 15.31 -9.38 8.36
C ASN D 210 16.40 -8.50 7.76
N HIS D 211 17.64 -8.92 7.99
CA HIS D 211 18.85 -8.24 7.55
C HIS D 211 19.58 -9.23 6.62
N LYS D 212 19.31 -9.10 5.32
CA LYS D 212 19.91 -10.03 4.35
C LYS D 212 21.42 -10.00 4.28
N PRO D 213 22.12 -8.88 4.53
CA PRO D 213 23.59 -8.94 4.52
C PRO D 213 24.19 -9.85 5.58
N SER D 214 23.46 -10.20 6.63
CA SER D 214 24.02 -11.01 7.72
C SER D 214 23.21 -12.28 7.99
N ASN D 215 22.26 -12.63 7.13
CA ASN D 215 21.38 -13.80 7.30
C ASN D 215 20.68 -13.82 8.65
N THR D 216 20.60 -12.68 9.35
CA THR D 216 19.77 -12.60 10.53
C THR D 216 18.31 -12.42 10.12
N LYS D 217 17.43 -13.25 10.67
CA LYS D 217 16.00 -13.21 10.41
C LYS D 217 15.31 -13.52 11.74
N VAL D 218 14.82 -12.49 12.40
CA VAL D 218 14.25 -12.61 13.73
C VAL D 218 12.82 -12.09 13.72
N ASP D 219 11.94 -12.77 14.45
CA ASP D 219 10.60 -12.29 14.75
C ASP D 219 10.53 -12.19 16.26
N LYS D 220 10.48 -10.97 16.77
CA LYS D 220 10.51 -10.72 18.21
C LYS D 220 9.11 -10.38 18.68
N LYS D 221 8.72 -10.99 19.78
CA LYS D 221 7.38 -10.84 20.34
C LYS D 221 7.38 -9.67 21.32
N VAL D 222 6.44 -8.75 21.12
CA VAL D 222 6.32 -7.55 21.95
C VAL D 222 5.08 -7.72 22.81
N GLU D 223 5.28 -7.81 24.12
CA GLU D 223 4.22 -7.91 25.12
C GLU D 223 4.51 -6.95 26.26
N PRO D 224 3.49 -6.59 27.06
CA PRO D 224 3.63 -5.63 28.15
C PRO D 224 4.53 -6.09 29.31
N ASP E 1 -38.75 5.02 7.57
CA ASP E 1 -38.22 3.99 6.69
C ASP E 1 -38.07 4.50 5.27
N ILE E 2 -37.16 5.45 5.09
CA ILE E 2 -36.83 5.95 3.77
C ILE E 2 -36.00 4.91 3.03
N VAL E 3 -36.44 4.53 1.84
CA VAL E 3 -35.71 3.59 0.99
C VAL E 3 -34.82 4.39 0.05
N MET E 4 -33.55 4.00 0.00
CA MET E 4 -32.57 4.63 -0.89
C MET E 4 -32.34 3.74 -2.10
N THR E 5 -32.42 4.33 -3.28
CA THR E 5 -32.23 3.65 -4.55
C THR E 5 -31.04 4.26 -5.27
N GLN E 6 -30.25 3.41 -5.94
CA GLN E 6 -29.15 3.91 -6.73
C GLN E 6 -29.19 3.34 -8.14
N SER E 7 -28.64 4.13 -9.06
CA SER E 7 -28.58 3.82 -10.48
C SER E 7 -27.38 4.57 -11.04
N PRO E 8 -26.63 3.93 -11.96
CA PRO E 8 -26.81 2.55 -12.44
C PRO E 8 -26.25 1.53 -11.46
N ASP E 9 -26.23 0.24 -11.84
CA ASP E 9 -25.57 -0.75 -10.99
C ASP E 9 -24.06 -0.75 -11.19
N SER E 10 -23.59 -0.49 -12.40
CA SER E 10 -22.18 -0.55 -12.73
C SER E 10 -21.84 0.56 -13.70
N LEU E 11 -20.58 1.00 -13.67
CA LEU E 11 -20.14 2.13 -14.48
C LEU E 11 -18.68 1.91 -14.87
N ALA E 12 -18.40 1.99 -16.16
CA ALA E 12 -17.04 1.94 -16.69
C ALA E 12 -16.79 3.26 -17.43
N VAL E 13 -15.83 4.03 -16.95
CA VAL E 13 -15.50 5.33 -17.52
C VAL E 13 -14.01 5.37 -17.77
N SER E 14 -13.61 6.00 -18.88
CA SER E 14 -12.21 6.09 -19.23
C SER E 14 -11.50 7.01 -18.24
N LEU E 15 -10.19 6.80 -18.12
CA LEU E 15 -9.40 7.59 -17.19
C LEU E 15 -9.42 9.06 -17.61
N GLY E 16 -9.54 9.94 -16.61
CA GLY E 16 -9.66 11.36 -16.87
C GLY E 16 -11.04 11.84 -17.26
N GLU E 17 -11.99 10.94 -17.49
CA GLU E 17 -13.34 11.32 -17.86
C GLU E 17 -14.24 11.38 -16.63
N ARG E 18 -15.52 11.65 -16.87
CA ARG E 18 -16.49 11.97 -15.83
C ARG E 18 -17.39 10.78 -15.52
N ALA E 19 -17.46 10.41 -14.25
CA ALA E 19 -18.40 9.40 -13.76
C ALA E 19 -19.52 10.08 -13.00
N THR E 20 -20.75 9.62 -13.25
CA THR E 20 -21.95 10.20 -12.66
C THR E 20 -22.81 9.10 -12.05
N ILE E 21 -23.07 9.20 -10.75
CA ILE E 21 -23.83 8.22 -9.98
C ILE E 21 -25.08 8.90 -9.44
N ASN E 22 -26.19 8.18 -9.44
CA ASN E 22 -27.47 8.72 -9.03
C ASN E 22 -28.00 7.98 -7.80
N CYS E 23 -28.79 8.70 -7.02
CA CYS E 23 -29.37 8.20 -5.78
C CYS E 23 -30.75 8.80 -5.64
N LYS E 24 -31.73 7.96 -5.29
CA LYS E 24 -33.09 8.42 -5.04
C LYS E 24 -33.54 8.01 -3.65
N SER E 25 -34.29 8.89 -3.00
CA SER E 25 -34.90 8.63 -1.71
C SER E 25 -36.40 8.49 -1.92
N SER E 26 -37.02 7.59 -1.15
CA SER E 26 -38.44 7.34 -1.30
C SER E 26 -39.29 8.51 -0.83
N GLN E 27 -38.70 9.48 -0.14
CA GLN E 27 -39.38 10.70 0.27
C GLN E 27 -38.31 11.77 0.41
N SER E 28 -38.75 13.03 0.49
CA SER E 28 -37.80 14.13 0.50
C SER E 28 -36.91 14.07 1.73
N VAL E 29 -35.68 14.52 1.52
CA VAL E 29 -34.63 14.54 2.52
C VAL E 29 -34.17 15.97 2.82
N LEU E 30 -34.90 16.95 2.29
CA LEU E 30 -34.53 18.36 2.27
C LEU E 30 -34.85 19.11 3.57
N TYR E 31 -36.03 18.92 4.16
CA TYR E 31 -36.30 19.59 5.43
C TYR E 31 -36.35 21.11 5.26
N SER E 32 -37.57 21.65 5.18
CA SER E 32 -37.78 23.04 4.81
C SER E 32 -37.30 24.07 5.83
N SER E 33 -37.15 23.68 7.10
CA SER E 33 -36.77 24.65 8.12
C SER E 33 -35.42 25.28 7.81
N ASN E 34 -34.37 24.49 7.70
CA ASN E 34 -33.16 24.96 7.06
C ASN E 34 -33.28 24.60 5.59
N ASN E 35 -32.22 24.72 4.80
CA ASN E 35 -32.38 24.22 3.43
C ASN E 35 -31.32 23.17 3.15
N LYS E 36 -31.18 22.22 4.08
CA LYS E 36 -30.09 21.26 4.07
C LYS E 36 -30.62 19.90 3.66
N ASN E 37 -29.93 19.24 2.74
CA ASN E 37 -30.29 17.89 2.36
C ASN E 37 -29.51 16.90 3.24
N TYR E 38 -30.24 16.02 3.91
CA TYR E 38 -29.65 15.10 4.89
C TYR E 38 -29.21 13.82 4.20
N LEU E 39 -28.15 13.96 3.41
CA LEU E 39 -27.75 12.88 2.52
C LEU E 39 -26.23 12.84 2.43
N ALA E 40 -25.67 11.62 2.44
CA ALA E 40 -24.23 11.41 2.44
C ALA E 40 -23.85 10.41 1.36
N TRP E 41 -22.57 10.43 1.00
CA TRP E 41 -21.99 9.49 0.05
C TRP E 41 -20.78 8.84 0.66
N TYR E 42 -20.61 7.55 0.37
CA TYR E 42 -19.48 6.77 0.87
C TYR E 42 -18.82 6.03 -0.28
N GLN E 43 -17.50 5.95 -0.21
CA GLN E 43 -16.67 5.24 -1.15
C GLN E 43 -16.11 4.01 -0.45
N GLN E 44 -16.36 2.83 -1.01
CA GLN E 44 -15.81 1.61 -0.45
C GLN E 44 -14.93 0.91 -1.49
N LYS E 45 -13.63 1.01 -1.28
CA LYS E 45 -12.68 0.28 -2.11
C LYS E 45 -12.69 -1.20 -1.70
N PRO E 46 -12.25 -2.08 -2.60
CA PRO E 46 -12.31 -3.52 -2.30
C PRO E 46 -11.51 -3.88 -1.06
N GLY E 47 -12.14 -4.66 -0.18
CA GLY E 47 -11.50 -5.09 1.05
C GLY E 47 -11.29 -4.00 2.07
N GLN E 48 -12.01 -2.89 1.98
CA GLN E 48 -11.87 -1.77 2.89
C GLN E 48 -13.23 -1.37 3.42
N PRO E 49 -13.28 -0.67 4.55
CA PRO E 49 -14.55 -0.12 5.04
C PRO E 49 -14.97 1.08 4.20
N PRO E 50 -16.25 1.45 4.23
CA PRO E 50 -16.65 2.70 3.58
C PRO E 50 -15.88 3.88 4.14
N LYS E 51 -15.61 4.84 3.26
CA LYS E 51 -14.97 6.10 3.60
C LYS E 51 -15.92 7.22 3.22
N LEU E 52 -16.23 8.09 4.17
CA LEU E 52 -17.15 9.19 3.92
C LEU E 52 -16.54 10.18 2.93
N LEU E 53 -17.29 10.54 1.89
CA LEU E 53 -16.86 11.49 0.88
C LEU E 53 -17.62 12.80 0.95
N ILE E 54 -18.96 12.73 0.95
CA ILE E 54 -19.81 13.91 0.86
C ILE E 54 -20.90 13.77 1.92
N TYR E 55 -21.31 14.91 2.48
CA TYR E 55 -22.48 14.94 3.34
C TYR E 55 -23.15 16.30 3.19
N TRP E 56 -24.37 16.41 3.73
CA TRP E 56 -25.26 17.51 3.41
C TRP E 56 -25.39 17.69 1.89
N ALA E 57 -25.35 16.57 1.17
CA ALA E 57 -25.51 16.46 -0.28
C ALA E 57 -24.32 17.00 -1.07
N SER E 58 -23.64 18.04 -0.57
CA SER E 58 -22.57 18.64 -1.36
C SER E 58 -21.38 19.12 -0.54
N THR E 59 -21.34 18.89 0.77
CA THR E 59 -20.19 19.28 1.56
C THR E 59 -19.14 18.20 1.46
N ARG E 60 -18.00 18.53 0.86
CA ARG E 60 -16.95 17.55 0.65
C ARG E 60 -16.15 17.37 1.94
N GLU E 61 -16.05 16.11 2.38
CA GLU E 61 -15.27 15.79 3.57
C GLU E 61 -13.83 16.26 3.44
N SER E 62 -13.21 16.57 4.57
CA SER E 62 -11.83 17.04 4.59
C SER E 62 -10.90 16.00 3.97
N GLY E 63 -9.99 16.48 3.11
CA GLY E 63 -9.02 15.61 2.48
C GLY E 63 -9.49 14.96 1.20
N VAL E 64 -10.79 14.98 0.93
CA VAL E 64 -11.33 14.35 -0.28
C VAL E 64 -10.98 15.22 -1.48
N PRO E 65 -10.43 14.66 -2.56
CA PRO E 65 -10.05 15.49 -3.71
C PRO E 65 -11.26 16.16 -4.35
N ASP E 66 -11.01 17.34 -4.92
CA ASP E 66 -12.10 18.16 -5.47
C ASP E 66 -12.72 17.57 -6.73
N ARG E 67 -12.10 16.55 -7.34
CA ARG E 67 -12.75 15.91 -8.47
C ARG E 67 -14.06 15.25 -8.05
N PHE E 68 -14.24 15.01 -6.75
CA PHE E 68 -15.48 14.48 -6.22
C PHE E 68 -16.42 15.64 -5.90
N SER E 69 -17.65 15.54 -6.42
CA SER E 69 -18.64 16.59 -6.25
C SER E 69 -20.00 15.97 -6.03
N GLY E 70 -20.81 16.61 -5.18
CA GLY E 70 -22.16 16.15 -4.92
C GLY E 70 -23.15 17.25 -5.24
N SER E 71 -24.35 16.85 -5.65
CA SER E 71 -25.38 17.80 -6.02
C SER E 71 -26.74 17.13 -5.89
N GLY E 72 -27.79 17.89 -6.13
CA GLY E 72 -29.15 17.41 -6.05
C GLY E 72 -29.87 17.97 -4.83
N SER E 73 -31.15 17.66 -4.76
CA SER E 73 -32.02 18.23 -3.73
C SER E 73 -33.27 17.37 -3.59
N GLY E 74 -33.87 17.42 -2.39
CA GLY E 74 -35.11 16.73 -2.13
C GLY E 74 -34.98 15.22 -2.19
N THR E 75 -35.37 14.63 -3.33
CA THR E 75 -35.36 13.19 -3.50
C THR E 75 -34.36 12.70 -4.55
N ASP E 76 -33.66 13.59 -5.24
CA ASP E 76 -32.80 13.19 -6.35
C ASP E 76 -31.40 13.78 -6.16
N PHE E 77 -30.40 12.91 -6.19
CA PHE E 77 -29.05 13.30 -5.88
C PHE E 77 -28.07 12.61 -6.81
N THR E 78 -26.90 13.23 -6.94
CA THR E 78 -25.89 12.83 -7.92
C THR E 78 -24.52 13.01 -7.29
N LEU E 79 -23.66 12.02 -7.47
CA LEU E 79 -22.25 12.14 -7.16
C LEU E 79 -21.47 12.12 -8.46
N THR E 80 -20.63 13.13 -8.66
CA THR E 80 -19.87 13.29 -9.88
C THR E 80 -18.38 13.24 -9.58
N ILE E 81 -17.67 12.39 -10.31
CA ILE E 81 -16.21 12.28 -10.25
C ILE E 81 -15.70 12.79 -11.59
N SER E 82 -15.16 14.01 -11.61
CA SER E 82 -14.99 14.72 -12.87
C SER E 82 -13.81 14.19 -13.68
N SER E 83 -12.71 13.81 -13.01
CA SER E 83 -11.46 13.44 -13.70
C SER E 83 -11.01 12.09 -13.14
N LEU E 84 -11.63 11.02 -13.62
CA LEU E 84 -11.59 9.74 -12.93
C LEU E 84 -10.18 9.15 -12.97
N GLN E 85 -9.68 8.79 -11.79
CA GLN E 85 -8.38 8.16 -11.64
C GLN E 85 -8.56 6.68 -11.36
N ALA E 86 -7.47 5.93 -11.47
CA ALA E 86 -7.56 4.49 -11.24
C ALA E 86 -7.82 4.17 -9.77
N GLU E 87 -7.34 5.03 -8.87
CA GLU E 87 -7.57 4.80 -7.44
C GLU E 87 -9.02 5.01 -7.03
N ASP E 88 -9.84 5.65 -7.87
CA ASP E 88 -11.22 5.89 -7.53
C ASP E 88 -12.12 4.68 -7.75
N VAL E 89 -11.56 3.57 -8.24
CA VAL E 89 -12.34 2.35 -8.42
C VAL E 89 -12.83 1.87 -7.07
N ALA E 90 -14.16 1.75 -6.94
CA ALA E 90 -14.80 1.38 -5.69
C ALA E 90 -16.29 1.23 -5.90
N VAL E 91 -17.02 0.81 -4.86
CA VAL E 91 -18.47 0.90 -4.83
C VAL E 91 -18.85 2.14 -4.02
N TYR E 92 -19.76 2.94 -4.55
CA TYR E 92 -20.18 4.19 -3.90
C TYR E 92 -21.61 4.04 -3.40
N TYR E 93 -21.82 4.39 -2.13
CA TYR E 93 -23.13 4.27 -1.49
C TYR E 93 -23.64 5.65 -1.10
N CYS E 94 -24.94 5.84 -1.24
CA CYS E 94 -25.60 6.99 -0.63
C CYS E 94 -26.32 6.55 0.63
N GLN E 95 -26.53 7.50 1.53
CA GLN E 95 -27.15 7.24 2.82
C GLN E 95 -28.00 8.44 3.19
N GLN E 96 -29.24 8.19 3.58
CA GLN E 96 -30.07 9.24 4.17
C GLN E 96 -29.88 9.25 5.68
N TYR E 97 -29.86 10.44 6.25
CA TYR E 97 -29.96 10.62 7.69
C TYR E 97 -31.03 11.66 8.00
N TYR E 98 -32.14 11.61 7.25
CA TYR E 98 -33.25 12.52 7.42
C TYR E 98 -34.24 12.03 8.48
N ARG E 99 -34.71 10.78 8.37
CA ARG E 99 -35.61 10.15 9.33
C ARG E 99 -34.87 9.19 10.27
N THR E 100 -33.67 9.57 10.69
CA THR E 100 -32.82 9.11 11.80
C THR E 100 -32.76 7.60 12.06
N PRO E 101 -33.40 6.99 13.10
CA PRO E 101 -33.14 5.57 12.84
C PRO E 101 -34.35 4.87 12.21
N PRO E 102 -34.12 3.92 11.29
CA PRO E 102 -32.76 3.47 10.97
C PRO E 102 -32.01 4.36 9.99
N LEU E 103 -30.69 4.27 10.01
CA LEU E 103 -29.89 4.75 8.91
C LEU E 103 -30.04 3.76 7.77
N THR E 104 -30.34 4.26 6.58
CA THR E 104 -30.55 3.39 5.43
C THR E 104 -29.70 3.86 4.26
N PHE E 105 -29.26 2.90 3.47
CA PHE E 105 -28.33 3.14 2.38
C PHE E 105 -28.96 2.70 1.07
N GLY E 106 -28.37 3.16 -0.03
CA GLY E 106 -28.69 2.61 -1.33
C GLY E 106 -27.91 1.33 -1.60
N GLY E 107 -28.26 0.69 -2.72
CA GLY E 107 -27.65 -0.58 -3.07
C GLY E 107 -26.24 -0.49 -3.61
N GLY E 108 -25.72 0.71 -3.81
CA GLY E 108 -24.37 0.89 -4.30
C GLY E 108 -24.30 0.94 -5.82
N THR E 109 -23.23 1.54 -6.30
CA THR E 109 -22.91 1.61 -7.72
C THR E 109 -21.41 1.38 -7.87
N LYS E 110 -21.04 0.36 -8.64
CA LYS E 110 -19.63 0.03 -8.83
C LYS E 110 -19.07 0.90 -9.95
N VAL E 111 -17.89 1.48 -9.70
CA VAL E 111 -17.22 2.33 -10.67
C VAL E 111 -15.91 1.64 -11.02
N GLU E 112 -15.68 1.42 -12.31
CA GLU E 112 -14.46 0.79 -12.78
C GLU E 112 -13.87 1.64 -13.91
N ILE E 113 -12.58 1.43 -14.14
CA ILE E 113 -11.88 2.15 -15.21
C ILE E 113 -12.14 1.46 -16.54
N LYS E 114 -12.50 2.25 -17.54
CA LYS E 114 -12.50 1.74 -18.91
C LYS E 114 -11.13 2.00 -19.54
N ARG E 115 -10.64 1.00 -20.28
CA ARG E 115 -9.23 0.84 -20.54
C ARG E 115 -9.07 0.18 -21.90
N THR E 116 -7.87 0.32 -22.48
CA THR E 116 -7.60 -0.39 -23.72
C THR E 116 -7.63 -1.90 -23.47
N VAL E 117 -8.06 -2.64 -24.50
CA VAL E 117 -8.13 -4.09 -24.40
C VAL E 117 -6.73 -4.66 -24.16
N ALA E 118 -6.64 -5.60 -23.22
CA ALA E 118 -5.39 -6.23 -22.85
C ALA E 118 -5.56 -7.73 -22.91
N ALA E 119 -4.73 -8.40 -23.71
CA ALA E 119 -4.81 -9.84 -23.79
C ALA E 119 -4.17 -10.47 -22.55
N PRO E 120 -4.70 -11.59 -22.07
CA PRO E 120 -4.14 -12.21 -20.87
C PRO E 120 -2.87 -13.00 -21.16
N SER E 121 -1.93 -12.94 -20.23
CA SER E 121 -0.85 -13.91 -20.19
C SER E 121 -1.35 -15.15 -19.46
N VAL E 122 -0.95 -16.32 -19.94
CA VAL E 122 -1.51 -17.57 -19.46
C VAL E 122 -0.40 -18.46 -18.92
N PHE E 123 -0.66 -19.08 -17.77
CA PHE E 123 0.26 -19.98 -17.10
C PHE E 123 -0.55 -21.13 -16.54
N ILE E 124 0.05 -22.32 -16.55
CA ILE E 124 -0.60 -23.51 -16.03
C ILE E 124 0.33 -24.16 -15.00
N PHE E 125 -0.25 -24.63 -13.91
CA PHE E 125 0.53 -25.24 -12.83
C PHE E 125 0.07 -26.68 -12.62
N PRO E 126 0.96 -27.66 -12.71
CA PRO E 126 0.60 -29.03 -12.34
C PRO E 126 0.46 -29.14 -10.84
N PRO E 127 -0.20 -30.19 -10.34
CA PRO E 127 -0.32 -30.33 -8.89
C PRO E 127 1.03 -30.54 -8.26
N SER E 128 1.18 -30.00 -7.06
CA SER E 128 2.36 -30.26 -6.26
C SER E 128 2.45 -31.75 -5.94
N ASP E 129 3.67 -32.16 -5.56
CA ASP E 129 3.83 -33.51 -5.02
C ASP E 129 3.25 -33.59 -3.62
N GLU E 130 3.20 -32.42 -2.93
CA GLU E 130 2.53 -32.29 -1.62
C GLU E 130 1.05 -32.58 -1.67
N GLN E 131 0.44 -32.47 -2.86
CA GLN E 131 -0.99 -32.69 -2.92
C GLN E 131 -1.30 -34.09 -3.43
N LEU E 132 -0.51 -34.53 -4.39
CA LEU E 132 -0.70 -35.85 -4.98
C LEU E 132 -0.60 -36.95 -3.93
N LYS E 133 0.31 -36.82 -2.96
CA LYS E 133 0.37 -37.85 -1.91
C LYS E 133 -0.86 -37.87 -1.02
N SER E 134 -1.84 -37.02 -1.29
CA SER E 134 -3.02 -36.90 -0.41
C SER E 134 -4.32 -37.27 -1.12
N GLY E 135 -4.23 -37.82 -2.34
CA GLY E 135 -5.38 -38.35 -3.02
C GLY E 135 -6.18 -37.37 -3.84
N THR E 136 -5.75 -36.11 -3.95
CA THR E 136 -6.37 -35.18 -4.88
C THR E 136 -5.29 -34.38 -5.58
N ALA E 137 -5.62 -33.90 -6.78
CA ALA E 137 -4.69 -33.18 -7.64
C ALA E 137 -5.37 -31.90 -8.11
N SER E 138 -4.71 -30.77 -7.89
CA SER E 138 -5.26 -29.48 -8.29
C SER E 138 -4.32 -28.86 -9.32
N VAL E 139 -4.81 -28.71 -10.55
CA VAL E 139 -4.10 -28.04 -11.63
C VAL E 139 -4.69 -26.65 -11.77
N VAL E 140 -3.84 -25.63 -11.69
CA VAL E 140 -4.27 -24.24 -11.68
C VAL E 140 -3.89 -23.59 -13.00
N CYS E 141 -4.81 -22.77 -13.55
CA CYS E 141 -4.55 -21.97 -14.74
C CYS E 141 -4.70 -20.50 -14.40
N LEU E 142 -3.67 -19.72 -14.71
CA LEU E 142 -3.60 -18.30 -14.38
C LEU E 142 -3.78 -17.46 -15.64
N LEU E 143 -4.79 -16.61 -15.64
CA LEU E 143 -4.99 -15.62 -16.70
C LEU E 143 -4.66 -14.26 -16.10
N ASN E 144 -3.57 -13.65 -16.55
CA ASN E 144 -2.93 -12.56 -15.85
C ASN E 144 -3.04 -11.25 -16.63
N ASN E 145 -3.52 -10.21 -15.96
CA ASN E 145 -3.42 -8.81 -16.42
C ASN E 145 -4.08 -8.61 -17.78
N PHE E 146 -5.39 -8.85 -17.83
CA PHE E 146 -6.15 -8.69 -19.05
C PHE E 146 -7.31 -7.71 -18.84
N TYR E 147 -7.85 -7.24 -19.96
CA TYR E 147 -9.00 -6.35 -19.95
C TYR E 147 -9.72 -6.43 -21.28
N PRO E 148 -11.06 -6.48 -21.26
CA PRO E 148 -11.91 -6.44 -20.05
C PRO E 148 -12.04 -7.79 -19.33
N ARG E 149 -12.99 -7.86 -18.38
CA ARG E 149 -13.05 -9.00 -17.46
C ARG E 149 -13.46 -10.29 -18.14
N GLU E 150 -14.14 -10.21 -19.28
CA GLU E 150 -14.75 -11.39 -19.87
C GLU E 150 -13.70 -12.30 -20.51
N ALA E 151 -13.63 -13.54 -20.03
CA ALA E 151 -12.68 -14.53 -20.52
C ALA E 151 -13.34 -15.88 -20.37
N LYS E 152 -12.98 -16.82 -21.23
CA LYS E 152 -13.48 -18.18 -21.12
C LYS E 152 -12.30 -19.12 -20.96
N VAL E 153 -12.42 -20.05 -20.02
CA VAL E 153 -11.39 -21.04 -19.73
C VAL E 153 -11.99 -22.40 -19.99
N GLN E 154 -11.26 -23.25 -20.73
CA GLN E 154 -11.69 -24.59 -21.01
C GLN E 154 -10.56 -25.54 -20.64
N TRP E 155 -10.86 -26.48 -19.76
CA TRP E 155 -9.92 -27.54 -19.42
C TRP E 155 -10.08 -28.72 -20.38
N LYS E 156 -8.95 -29.31 -20.76
CA LYS E 156 -8.95 -30.52 -21.57
C LYS E 156 -7.98 -31.52 -20.96
N VAL E 157 -8.50 -32.72 -20.66
CA VAL E 157 -7.71 -33.86 -20.22
C VAL E 157 -7.62 -34.83 -21.40
N ASP E 158 -6.41 -35.04 -21.91
CA ASP E 158 -6.20 -35.87 -23.10
C ASP E 158 -7.09 -35.41 -24.24
N ASN E 159 -7.13 -34.09 -24.45
CA ASN E 159 -7.96 -33.44 -25.46
C ASN E 159 -9.43 -33.82 -25.31
N ALA E 160 -9.88 -34.04 -24.08
CA ALA E 160 -11.29 -34.19 -23.77
C ALA E 160 -11.74 -33.01 -22.92
N LEU E 161 -12.77 -32.31 -23.38
CA LEU E 161 -13.18 -31.08 -22.73
C LEU E 161 -13.92 -31.40 -21.44
N GLN E 162 -13.69 -30.58 -20.42
CA GLN E 162 -14.25 -30.82 -19.10
C GLN E 162 -15.38 -29.86 -18.79
N SER E 163 -16.18 -30.25 -17.80
CA SER E 163 -17.40 -29.52 -17.46
C SER E 163 -17.76 -29.86 -16.02
N GLY E 164 -17.55 -28.91 -15.13
CA GLY E 164 -18.00 -29.06 -13.76
C GLY E 164 -17.01 -29.72 -12.82
N ASN E 165 -15.72 -29.59 -13.08
CA ASN E 165 -14.71 -29.98 -12.10
C ASN E 165 -13.62 -28.92 -12.03
N SER E 166 -13.91 -27.72 -12.51
CA SER E 166 -13.07 -26.56 -12.33
C SER E 166 -13.85 -25.52 -11.55
N GLN E 167 -13.13 -24.54 -11.03
CA GLN E 167 -13.72 -23.40 -10.37
C GLN E 167 -12.77 -22.24 -10.55
N GLU E 168 -13.32 -21.03 -10.64
CA GLU E 168 -12.50 -19.87 -10.91
C GLU E 168 -12.98 -18.70 -10.08
N SER E 169 -12.06 -17.75 -9.86
CA SER E 169 -12.37 -16.47 -9.24
C SER E 169 -11.53 -15.40 -9.92
N VAL E 170 -12.00 -14.17 -9.82
CA VAL E 170 -11.41 -13.05 -10.53
C VAL E 170 -11.04 -11.97 -9.52
N THR E 171 -9.86 -11.40 -9.67
CA THR E 171 -9.48 -10.26 -8.85
C THR E 171 -10.35 -9.07 -9.19
N GLU E 172 -10.52 -8.18 -8.22
CA GLU E 172 -11.12 -6.90 -8.54
C GLU E 172 -10.12 -6.09 -9.37
N GLN E 173 -10.62 -5.01 -9.98
CA GLN E 173 -9.81 -4.33 -10.97
C GLN E 173 -8.57 -3.73 -10.32
N ASP E 174 -7.42 -3.99 -10.93
CA ASP E 174 -6.14 -3.54 -10.39
C ASP E 174 -6.13 -2.02 -10.24
N SER E 175 -5.76 -1.54 -9.06
CA SER E 175 -5.81 -0.10 -8.79
C SER E 175 -4.77 0.68 -9.58
N LYS E 176 -3.82 0.03 -10.24
CA LYS E 176 -2.79 0.72 -11.00
C LYS E 176 -3.00 0.63 -12.50
N ASP E 177 -2.82 -0.55 -13.10
CA ASP E 177 -2.99 -0.70 -14.53
C ASP E 177 -4.41 -1.06 -14.96
N SER E 178 -5.35 -1.12 -14.01
CA SER E 178 -6.78 -1.31 -14.27
C SER E 178 -7.09 -2.64 -14.97
N THR E 179 -6.22 -3.63 -14.86
CA THR E 179 -6.48 -4.93 -15.46
C THR E 179 -7.09 -5.89 -14.44
N TYR E 180 -7.62 -6.99 -14.94
CA TYR E 180 -8.10 -8.09 -14.11
C TYR E 180 -7.20 -9.29 -14.28
N SER E 181 -7.24 -10.18 -13.28
CA SER E 181 -6.60 -11.48 -13.37
C SER E 181 -7.61 -12.53 -12.94
N LEU E 182 -7.47 -13.73 -13.52
CA LEU E 182 -8.39 -14.82 -13.25
C LEU E 182 -7.59 -16.08 -12.95
N SER E 183 -8.10 -16.88 -12.02
CA SER E 183 -7.46 -18.12 -11.58
C SER E 183 -8.50 -19.22 -11.64
N SER E 184 -8.20 -20.27 -12.42
CA SER E 184 -9.08 -21.42 -12.54
C SER E 184 -8.37 -22.67 -12.04
N THR E 185 -9.08 -23.47 -11.24
CA THR E 185 -8.51 -24.68 -10.64
C THR E 185 -9.39 -25.87 -11.01
N LEU E 186 -8.80 -26.81 -11.75
CA LEU E 186 -9.45 -28.08 -12.01
C LEU E 186 -8.97 -29.08 -10.97
N THR E 187 -9.91 -29.76 -10.34
CA THR E 187 -9.61 -30.68 -9.24
C THR E 187 -10.05 -32.08 -9.63
N LEU E 188 -9.12 -33.03 -9.58
CA LEU E 188 -9.37 -34.42 -9.90
C LEU E 188 -8.92 -35.29 -8.74
N SER E 189 -9.46 -36.50 -8.69
CA SER E 189 -8.89 -37.50 -7.79
C SER E 189 -7.51 -37.90 -8.29
N LYS E 190 -6.63 -38.22 -7.34
CA LYS E 190 -5.30 -38.72 -7.70
C LYS E 190 -5.38 -39.90 -8.65
N ALA E 191 -6.40 -40.74 -8.49
CA ALA E 191 -6.60 -41.87 -9.40
C ALA E 191 -6.85 -41.37 -10.83
N ASP E 192 -7.82 -40.47 -11.00
CA ASP E 192 -8.17 -40.00 -12.33
C ASP E 192 -7.07 -39.12 -12.93
N TYR E 193 -6.31 -38.42 -12.08
CA TYR E 193 -5.21 -37.61 -12.60
C TYR E 193 -4.12 -38.49 -13.19
N GLU E 194 -3.93 -39.68 -12.64
CA GLU E 194 -2.88 -40.58 -13.11
C GLU E 194 -3.33 -41.43 -14.27
N LYS E 195 -4.65 -41.65 -14.42
CA LYS E 195 -5.18 -42.34 -15.59
C LYS E 195 -4.91 -41.58 -16.88
N HIS E 196 -4.63 -40.28 -16.80
CA HIS E 196 -4.48 -39.45 -17.98
C HIS E 196 -3.11 -38.76 -17.98
N LYS E 197 -2.79 -38.10 -19.11
CA LYS E 197 -1.41 -37.67 -19.31
C LYS E 197 -1.25 -36.20 -19.67
N VAL E 198 -2.08 -35.64 -20.55
CA VAL E 198 -1.91 -34.24 -20.96
C VAL E 198 -3.05 -33.40 -20.41
N TYR E 199 -2.70 -32.21 -19.93
CA TYR E 199 -3.61 -31.33 -19.22
C TYR E 199 -3.50 -29.96 -19.85
N ALA E 200 -4.58 -29.52 -20.50
CA ALA E 200 -4.57 -28.29 -21.28
C ALA E 200 -5.54 -27.28 -20.69
N CYS E 201 -5.14 -26.02 -20.71
CA CYS E 201 -5.98 -24.91 -20.32
C CYS E 201 -6.11 -24.02 -21.54
N GLU E 202 -7.33 -23.83 -22.03
CA GLU E 202 -7.55 -23.04 -23.22
C GLU E 202 -8.28 -21.77 -22.85
N VAL E 203 -7.84 -20.65 -23.42
CA VAL E 203 -8.26 -19.31 -23.01
C VAL E 203 -8.75 -18.55 -24.24
N THR E 204 -9.96 -17.98 -24.14
CA THR E 204 -10.50 -17.10 -25.16
C THR E 204 -10.74 -15.71 -24.58
N HIS E 205 -10.47 -14.68 -25.38
CA HIS E 205 -10.56 -13.31 -24.92
C HIS E 205 -10.57 -12.39 -26.13
N GLN E 206 -11.27 -11.25 -26.00
CA GLN E 206 -11.36 -10.26 -27.08
C GLN E 206 -9.99 -9.94 -27.67
N GLY E 207 -8.97 -9.85 -26.83
CA GLY E 207 -7.63 -9.46 -27.23
C GLY E 207 -6.83 -10.52 -27.94
N LEU E 208 -7.36 -11.73 -28.10
CA LEU E 208 -6.66 -12.82 -28.77
C LEU E 208 -7.37 -13.15 -30.07
N SER E 209 -6.60 -13.18 -31.16
CA SER E 209 -7.16 -13.54 -32.45
C SER E 209 -7.63 -15.00 -32.46
N SER E 210 -6.80 -15.90 -31.94
CA SER E 210 -7.13 -17.30 -31.75
C SER E 210 -6.92 -17.68 -30.29
N PRO E 211 -7.55 -18.77 -29.83
CA PRO E 211 -7.40 -19.15 -28.41
C PRO E 211 -5.97 -19.50 -28.05
N VAL E 212 -5.66 -19.35 -26.77
CA VAL E 212 -4.34 -19.65 -26.21
C VAL E 212 -4.45 -20.90 -25.36
N THR E 213 -3.63 -21.89 -25.66
CA THR E 213 -3.57 -23.12 -24.86
C THR E 213 -2.20 -23.23 -24.19
N LYS E 214 -2.23 -23.63 -22.92
CA LYS E 214 -1.03 -23.93 -22.15
C LYS E 214 -1.24 -25.31 -21.54
N SER E 215 -0.26 -26.19 -21.71
CA SER E 215 -0.44 -27.59 -21.36
C SER E 215 0.85 -28.18 -20.80
N PHE E 216 0.71 -29.32 -20.13
CA PHE E 216 1.83 -30.10 -19.65
C PHE E 216 1.46 -31.57 -19.72
N ASN E 217 2.44 -32.42 -19.44
CA ASN E 217 2.21 -33.86 -19.37
C ASN E 217 2.77 -34.43 -18.07
N ARG E 218 2.06 -35.44 -17.56
CA ARG E 218 2.40 -36.31 -16.41
C ARG E 218 1.27 -36.25 -15.37
N ASP F 1 27.31 18.55 -22.04
CA ASP F 1 27.20 18.67 -20.59
C ASP F 1 26.23 19.78 -20.20
N ILE F 2 24.96 19.54 -20.52
CA ILE F 2 23.90 20.46 -20.11
C ILE F 2 23.66 20.27 -18.61
N VAL F 3 23.74 21.37 -17.86
CA VAL F 3 23.49 21.36 -16.43
C VAL F 3 22.04 21.73 -16.17
N MET F 4 21.33 20.92 -15.38
CA MET F 4 19.96 21.17 -15.01
C MET F 4 19.91 21.66 -13.57
N THR F 5 19.24 22.79 -13.35
CA THR F 5 19.01 23.31 -12.01
C THR F 5 17.51 23.47 -11.80
N GLN F 6 17.07 23.25 -10.56
CA GLN F 6 15.67 23.35 -10.20
C GLN F 6 15.48 24.32 -9.05
N SER F 7 14.29 24.90 -8.99
CA SER F 7 13.93 25.84 -7.94
C SER F 7 12.42 25.81 -7.77
N PRO F 8 11.95 25.87 -6.52
CA PRO F 8 12.74 25.90 -5.28
C PRO F 8 13.28 24.53 -4.88
N ASP F 9 13.89 24.46 -3.69
CA ASP F 9 14.35 23.18 -3.17
C ASP F 9 13.21 22.41 -2.51
N SER F 10 12.30 23.11 -1.84
CA SER F 10 11.23 22.51 -1.08
C SER F 10 9.97 23.33 -1.29
N LEU F 11 8.82 22.68 -1.10
CA LEU F 11 7.55 23.35 -1.36
C LEU F 11 6.52 22.80 -0.38
N ALA F 12 5.85 23.73 0.31
CA ALA F 12 4.71 23.39 1.16
C ALA F 12 3.51 24.12 0.61
N VAL F 13 2.53 23.36 0.10
CA VAL F 13 1.32 23.91 -0.45
C VAL F 13 0.14 23.14 0.13
N SER F 14 -0.96 23.85 0.39
CA SER F 14 -2.13 23.25 0.99
C SER F 14 -2.78 22.25 0.05
N LEU F 15 -3.54 21.33 0.63
CA LEU F 15 -4.24 20.32 -0.14
C LEU F 15 -5.24 21.02 -1.06
N GLY F 16 -5.31 20.56 -2.31
CA GLY F 16 -6.18 21.18 -3.29
C GLY F 16 -5.61 22.43 -3.96
N GLU F 17 -4.47 22.94 -3.51
CA GLU F 17 -3.87 24.13 -4.10
C GLU F 17 -2.89 23.74 -5.20
N ARG F 18 -2.25 24.76 -5.76
CA ARG F 18 -1.40 24.62 -6.94
C ARG F 18 0.06 24.66 -6.50
N ALA F 19 0.81 23.64 -6.89
CA ALA F 19 2.24 23.57 -6.64
C ALA F 19 2.99 23.89 -7.94
N THR F 20 4.01 24.73 -7.83
CA THR F 20 4.74 25.21 -9.00
C THR F 20 6.23 24.99 -8.76
N ILE F 21 6.86 24.16 -9.58
CA ILE F 21 8.29 23.90 -9.49
C ILE F 21 8.93 24.21 -10.85
N ASN F 22 10.12 24.79 -10.82
CA ASN F 22 10.78 25.28 -12.01
C ASN F 22 12.09 24.53 -12.27
N CYS F 23 12.49 24.54 -13.54
CA CYS F 23 13.68 23.84 -14.01
C CYS F 23 14.37 24.71 -15.06
N LYS F 24 15.69 24.87 -14.94
CA LYS F 24 16.47 25.63 -15.90
C LYS F 24 17.59 24.76 -16.46
N SER F 25 17.86 24.91 -17.76
CA SER F 25 18.95 24.24 -18.44
C SER F 25 20.02 25.25 -18.84
N SER F 26 21.29 24.81 -18.77
CA SER F 26 22.40 25.71 -19.08
C SER F 26 22.46 26.07 -20.56
N GLN F 27 21.71 25.40 -21.41
CA GLN F 27 21.61 25.76 -22.82
C GLN F 27 20.27 25.25 -23.33
N SER F 28 19.88 25.76 -24.49
CA SER F 28 18.54 25.46 -25.01
C SER F 28 18.40 23.97 -25.27
N VAL F 29 17.17 23.51 -25.08
CA VAL F 29 16.75 22.12 -25.19
C VAL F 29 15.68 21.97 -26.29
N LEU F 30 15.50 23.04 -27.07
CA LEU F 30 14.37 23.14 -28.00
C LEU F 30 14.61 22.45 -29.35
N TYR F 31 15.78 22.63 -29.97
CA TYR F 31 16.03 21.99 -31.27
C TYR F 31 15.10 22.57 -32.34
N SER F 32 15.63 23.49 -33.17
CA SER F 32 14.79 24.24 -34.10
C SER F 32 14.21 23.40 -35.23
N SER F 33 14.81 22.24 -35.55
CA SER F 33 14.35 21.42 -36.68
C SER F 33 12.89 21.04 -36.53
N ASN F 34 12.55 20.34 -35.46
CA ASN F 34 11.17 20.25 -35.00
C ASN F 34 10.97 21.38 -34.00
N ASN F 35 9.85 21.40 -33.29
CA ASN F 35 9.77 22.39 -32.22
C ASN F 35 9.50 21.69 -30.89
N LYS F 36 10.29 20.66 -30.61
CA LYS F 36 10.07 19.79 -29.46
C LYS F 36 11.13 20.08 -28.41
N ASN F 37 10.71 20.28 -27.17
CA ASN F 37 11.64 20.48 -26.08
C ASN F 37 12.02 19.12 -25.50
N TYR F 38 13.32 18.84 -25.45
CA TYR F 38 13.84 17.54 -25.04
C TYR F 38 14.02 17.53 -23.52
N LEU F 39 12.89 17.51 -22.82
CA LEU F 39 12.87 17.67 -21.37
C LEU F 39 11.81 16.76 -20.77
N ALA F 40 12.15 16.14 -19.63
CA ALA F 40 11.27 15.21 -18.95
C ALA F 40 11.18 15.56 -17.47
N TRP F 41 10.11 15.09 -16.84
CA TRP F 41 9.89 15.26 -15.41
C TRP F 41 9.62 13.91 -14.76
N TYR F 42 10.16 13.73 -13.56
CA TYR F 42 10.02 12.48 -12.81
C TYR F 42 9.55 12.75 -11.39
N GLN F 43 8.70 11.86 -10.89
CA GLN F 43 8.20 11.90 -9.52
C GLN F 43 8.83 10.75 -8.76
N GLN F 44 9.50 11.05 -7.65
CA GLN F 44 10.08 10.02 -6.80
C GLN F 44 9.49 10.14 -5.40
N LYS F 45 8.59 9.21 -5.07
CA LYS F 45 8.06 9.09 -3.73
C LYS F 45 9.09 8.43 -2.81
N PRO F 46 8.97 8.63 -1.49
CA PRO F 46 9.97 8.07 -0.58
C PRO F 46 10.04 6.54 -0.67
N GLY F 47 11.26 6.02 -0.78
CA GLY F 47 11.46 4.59 -0.87
C GLY F 47 11.01 3.94 -2.16
N GLN F 48 10.84 4.71 -3.22
CA GLN F 48 10.42 4.21 -4.52
C GLN F 48 11.35 4.73 -5.60
N PRO F 49 11.40 4.07 -6.76
CA PRO F 49 12.19 4.59 -7.87
C PRO F 49 11.48 5.79 -8.51
N PRO F 50 12.22 6.61 -9.25
CA PRO F 50 11.56 7.67 -10.02
C PRO F 50 10.52 7.09 -10.97
N LYS F 51 9.45 7.86 -11.17
CA LYS F 51 8.40 7.51 -12.12
C LYS F 51 8.25 8.63 -13.13
N LEU F 52 8.31 8.27 -14.42
CA LEU F 52 8.17 9.26 -15.49
C LEU F 52 6.76 9.83 -15.49
N LEU F 53 6.66 11.16 -15.48
CA LEU F 53 5.39 11.88 -15.50
C LEU F 53 5.18 12.68 -16.79
N ILE F 54 6.18 13.45 -17.19
CA ILE F 54 6.08 14.34 -18.34
C ILE F 54 7.33 14.14 -19.20
N TYR F 55 7.14 14.25 -20.51
CA TYR F 55 8.26 14.32 -21.44
C TYR F 55 7.82 15.17 -22.62
N TRP F 56 8.78 15.52 -23.48
CA TRP F 56 8.58 16.56 -24.48
C TRP F 56 8.02 17.83 -23.85
N ALA F 57 8.44 18.09 -22.61
CA ALA F 57 8.09 19.26 -21.80
C ALA F 57 6.64 19.25 -21.35
N SER F 58 5.73 18.72 -22.17
CA SER F 58 4.31 18.79 -21.85
C SER F 58 3.51 17.57 -22.25
N THR F 59 4.14 16.52 -22.77
CA THR F 59 3.40 15.30 -23.11
C THR F 59 3.28 14.47 -21.85
N ARG F 60 2.07 14.31 -21.35
CA ARG F 60 1.83 13.60 -20.11
C ARG F 60 1.85 12.10 -20.36
N GLU F 61 2.66 11.38 -19.59
CA GLU F 61 2.74 9.94 -19.70
C GLU F 61 1.35 9.31 -19.48
N SER F 62 1.15 8.15 -20.10
CA SER F 62 -0.13 7.46 -19.97
C SER F 62 -0.40 7.12 -18.51
N GLY F 63 -1.64 7.37 -18.08
CA GLY F 63 -2.07 7.07 -16.74
C GLY F 63 -1.84 8.16 -15.71
N VAL F 64 -1.01 9.15 -16.02
CA VAL F 64 -0.74 10.22 -15.06
C VAL F 64 -1.94 11.16 -15.02
N PRO F 65 -2.44 11.52 -13.84
CA PRO F 65 -3.62 12.39 -13.77
C PRO F 65 -3.35 13.77 -14.36
N ASP F 66 -4.41 14.38 -14.90
CA ASP F 66 -4.30 15.63 -15.62
C ASP F 66 -3.98 16.82 -14.72
N ARG F 67 -4.08 16.67 -13.39
CA ARG F 67 -3.65 17.76 -12.52
C ARG F 67 -2.15 18.02 -12.64
N PHE F 68 -1.40 17.07 -13.17
CA PHE F 68 0.02 17.26 -13.47
C PHE F 68 0.16 17.85 -14.86
N SER F 69 0.86 18.97 -14.95
CA SER F 69 0.98 19.68 -16.22
C SER F 69 2.38 20.24 -16.38
N GLY F 70 2.87 20.22 -17.61
CA GLY F 70 4.18 20.76 -17.93
C GLY F 70 4.08 21.84 -18.99
N SER F 71 4.99 22.80 -18.91
CA SER F 71 5.03 23.90 -19.85
C SER F 71 6.44 24.47 -19.86
N GLY F 72 6.65 25.47 -20.71
CA GLY F 72 7.95 26.08 -20.86
C GLY F 72 8.59 25.69 -22.19
N SER F 73 9.72 26.34 -22.45
CA SER F 73 10.37 26.19 -23.75
C SER F 73 11.82 26.63 -23.63
N GLY F 74 12.65 26.08 -24.50
CA GLY F 74 14.06 26.45 -24.55
C GLY F 74 14.83 26.08 -23.30
N THR F 75 15.04 27.06 -22.41
CA THR F 75 15.85 26.86 -21.22
C THR F 75 15.06 26.94 -19.92
N ASP F 76 13.76 27.24 -19.99
CA ASP F 76 12.97 27.46 -18.78
C ASP F 76 11.69 26.65 -18.83
N PHE F 77 11.45 25.88 -17.78
CA PHE F 77 10.35 24.92 -17.75
C PHE F 77 9.73 24.92 -16.37
N THR F 78 8.48 24.46 -16.31
CA THR F 78 7.67 24.50 -15.11
C THR F 78 6.82 23.24 -15.05
N LEU F 79 6.74 22.64 -13.87
CA LEU F 79 5.79 21.55 -13.61
C LEU F 79 4.76 22.07 -12.63
N THR F 80 3.48 21.96 -13.00
CA THR F 80 2.39 22.47 -12.20
C THR F 80 1.51 21.31 -11.74
N ILE F 81 1.25 21.25 -10.45
CA ILE F 81 0.34 20.26 -9.87
C ILE F 81 -0.88 21.04 -9.38
N SER F 82 -1.98 20.94 -10.13
CA SER F 82 -3.06 21.93 -10.02
C SER F 82 -3.90 21.73 -8.76
N SER F 83 -4.20 20.48 -8.39
CA SER F 83 -5.13 20.20 -7.29
C SER F 83 -4.45 19.20 -6.37
N LEU F 84 -3.52 19.68 -5.56
CA LEU F 84 -2.52 18.82 -4.97
C LEU F 84 -3.14 17.86 -3.95
N GLN F 85 -2.83 16.57 -4.10
CA GLN F 85 -3.26 15.55 -3.17
C GLN F 85 -2.09 15.13 -2.27
N ALA F 86 -2.42 14.43 -1.20
CA ALA F 86 -1.40 13.96 -0.26
C ALA F 86 -0.51 12.89 -0.89
N GLU F 87 -1.04 12.13 -1.85
CA GLU F 87 -0.23 11.13 -2.53
C GLU F 87 0.80 11.75 -3.45
N ASP F 88 0.67 13.04 -3.77
CA ASP F 88 1.61 13.70 -4.66
C ASP F 88 2.89 14.15 -3.94
N VAL F 89 2.98 13.96 -2.63
CA VAL F 89 4.21 14.33 -1.93
C VAL F 89 5.34 13.46 -2.43
N ALA F 90 6.41 14.09 -2.90
CA ALA F 90 7.55 13.40 -3.48
C ALA F 90 8.62 14.45 -3.79
N VAL F 91 9.77 13.98 -4.26
CA VAL F 91 10.77 14.84 -4.88
C VAL F 91 10.62 14.71 -6.39
N TYR F 92 10.57 15.85 -7.08
CA TYR F 92 10.39 15.88 -8.52
C TYR F 92 11.67 16.33 -9.19
N TYR F 93 12.10 15.58 -10.20
CA TYR F 93 13.32 15.85 -10.94
C TYR F 93 12.98 16.17 -12.40
N CYS F 94 13.70 17.13 -12.97
CA CYS F 94 13.68 17.33 -14.41
C CYS F 94 14.95 16.74 -15.02
N GLN F 95 14.86 16.38 -16.30
CA GLN F 95 15.96 15.74 -17.01
C GLN F 95 15.97 16.21 -18.45
N GLN F 96 17.15 16.63 -18.93
CA GLN F 96 17.33 16.92 -20.35
C GLN F 96 17.78 15.67 -21.09
N TYR F 97 17.27 15.49 -22.30
CA TYR F 97 17.77 14.49 -23.23
C TYR F 97 18.02 15.15 -24.59
N TYR F 98 18.54 16.36 -24.55
CA TYR F 98 18.87 17.10 -25.77
C TYR F 98 20.27 16.74 -26.26
N ARG F 99 21.25 16.73 -25.36
CA ARG F 99 22.59 16.20 -25.66
C ARG F 99 22.79 15.01 -24.73
N THR F 100 22.55 13.82 -25.27
CA THR F 100 22.14 12.65 -24.49
C THR F 100 23.30 11.91 -23.84
N PRO F 101 24.50 11.86 -24.44
CA PRO F 101 25.44 11.33 -23.46
C PRO F 101 26.24 12.48 -22.88
N PRO F 102 26.13 12.71 -21.55
CA PRO F 102 25.33 12.02 -20.55
C PRO F 102 23.90 12.53 -20.44
N LEU F 103 23.00 11.70 -19.89
CA LEU F 103 21.73 12.18 -19.40
C LEU F 103 21.96 12.93 -18.09
N THR F 104 21.39 14.12 -17.96
CA THR F 104 21.62 14.93 -16.76
C THR F 104 20.31 15.38 -16.14
N PHE F 105 20.32 15.49 -14.83
CA PHE F 105 19.13 15.80 -14.04
C PHE F 105 19.35 17.07 -13.23
N GLY F 106 18.24 17.65 -12.76
CA GLY F 106 18.30 18.69 -11.76
C GLY F 106 18.43 18.13 -10.37
N GLY F 107 18.63 19.03 -9.41
CA GLY F 107 18.83 18.62 -8.03
C GLY F 107 17.59 18.19 -7.29
N GLY F 108 16.43 18.29 -7.94
CA GLY F 108 15.18 17.88 -7.33
C GLY F 108 14.50 19.02 -6.59
N THR F 109 13.19 18.87 -6.43
CA THR F 109 12.37 19.78 -5.63
C THR F 109 11.39 18.95 -4.83
N LYS F 110 11.45 19.05 -3.51
CA LYS F 110 10.59 18.27 -2.65
C LYS F 110 9.27 19.01 -2.45
N VAL F 111 8.16 18.28 -2.59
CA VAL F 111 6.82 18.85 -2.48
C VAL F 111 6.13 18.19 -1.30
N GLU F 112 5.64 18.99 -0.36
CA GLU F 112 4.95 18.50 0.82
C GLU F 112 3.63 19.22 1.01
N ILE F 113 2.75 18.60 1.78
CA ILE F 113 1.44 19.15 2.09
C ILE F 113 1.58 20.18 3.21
N LYS F 114 0.98 21.35 3.00
CA LYS F 114 0.79 22.31 4.08
C LYS F 114 -0.52 22.00 4.76
N ARG F 115 -0.52 22.05 6.09
CA ARG F 115 -1.52 21.34 6.87
C ARG F 115 -1.77 22.13 8.14
N THR F 116 -2.93 21.89 8.76
CA THR F 116 -3.20 22.49 10.06
C THR F 116 -2.21 21.98 11.09
N VAL F 117 -1.85 22.86 12.03
CA VAL F 117 -0.92 22.49 13.09
C VAL F 117 -1.51 21.37 13.93
N ALA F 118 -0.70 20.35 14.19
CA ALA F 118 -1.12 19.19 14.96
C ALA F 118 -0.11 18.95 16.08
N ALA F 119 -0.58 18.96 17.31
CA ALA F 119 0.33 18.69 18.40
C ALA F 119 0.66 17.20 18.46
N PRO F 120 1.89 16.86 18.84
CA PRO F 120 2.25 15.44 18.92
C PRO F 120 1.75 14.80 20.20
N SER F 121 1.33 13.54 20.09
CA SER F 121 1.20 12.70 21.27
C SER F 121 2.57 12.11 21.59
N VAL F 122 2.87 11.97 22.87
CA VAL F 122 4.20 11.61 23.32
C VAL F 122 4.13 10.33 24.13
N PHE F 123 5.09 9.43 23.88
CA PHE F 123 5.20 8.16 24.56
C PHE F 123 6.67 7.89 24.86
N ILE F 124 6.92 7.23 25.99
CA ILE F 124 8.28 6.88 26.40
C ILE F 124 8.33 5.39 26.71
N PHE F 125 9.43 4.74 26.31
CA PHE F 125 9.64 3.32 26.52
C PHE F 125 10.91 3.10 27.33
N PRO F 126 10.86 2.33 28.41
CA PRO F 126 12.08 1.92 29.10
C PRO F 126 12.84 0.91 28.28
N PRO F 127 14.13 0.69 28.55
CA PRO F 127 14.88 -0.32 27.79
C PRO F 127 14.34 -1.72 28.03
N SER F 128 14.51 -2.58 27.03
CA SER F 128 14.23 -3.99 27.24
C SER F 128 15.16 -4.54 28.31
N ASP F 129 14.75 -5.67 28.90
CA ASP F 129 15.70 -6.38 29.75
C ASP F 129 16.64 -7.26 28.94
N GLU F 130 16.23 -7.67 27.74
CA GLU F 130 17.14 -8.38 26.86
C GLU F 130 18.32 -7.49 26.47
N GLN F 131 18.06 -6.20 26.24
CA GLN F 131 19.15 -5.26 26.01
C GLN F 131 19.94 -5.01 27.29
N LEU F 132 19.24 -4.89 28.42
CA LEU F 132 19.93 -4.63 29.68
C LEU F 132 20.93 -5.75 30.00
N LYS F 133 20.58 -6.99 29.66
CA LYS F 133 21.51 -8.11 29.80
C LYS F 133 22.72 -7.99 28.89
N SER F 134 22.84 -6.92 28.10
CA SER F 134 23.96 -6.72 27.20
C SER F 134 24.75 -5.48 27.57
N GLY F 135 24.46 -4.86 28.71
CA GLY F 135 25.27 -3.79 29.24
C GLY F 135 25.00 -2.40 28.73
N THR F 136 23.96 -2.19 27.91
CA THR F 136 23.56 -0.86 27.51
C THR F 136 22.05 -0.73 27.60
N ALA F 137 21.57 0.49 27.79
CA ALA F 137 20.15 0.75 28.00
C ALA F 137 19.71 1.87 27.06
N SER F 138 18.68 1.61 26.26
CA SER F 138 18.17 2.59 25.30
C SER F 138 16.74 2.96 25.64
N VAL F 139 16.52 4.24 25.94
CA VAL F 139 15.19 4.76 26.20
C VAL F 139 14.73 5.54 24.97
N VAL F 140 13.56 5.16 24.44
CA VAL F 140 13.03 5.77 23.23
C VAL F 140 11.81 6.61 23.58
N CYS F 141 11.73 7.80 22.96
CA CYS F 141 10.60 8.71 23.09
C CYS F 141 9.94 8.88 21.72
N LEU F 142 8.63 8.67 21.67
CA LEU F 142 7.86 8.70 20.44
C LEU F 142 6.98 9.94 20.41
N LEU F 143 7.18 10.78 19.39
CA LEU F 143 6.35 11.94 19.12
C LEU F 143 5.54 11.65 17.86
N ASN F 144 4.24 11.51 18.02
CA ASN F 144 3.40 10.86 17.02
C ASN F 144 2.45 11.85 16.36
N ASN F 145 2.44 11.85 15.03
CA ASN F 145 1.41 12.47 14.21
C ASN F 145 1.26 13.97 14.50
N PHE F 146 2.33 14.70 14.20
CA PHE F 146 2.35 16.14 14.44
C PHE F 146 2.69 16.91 13.16
N TYR F 147 2.41 18.21 13.20
CA TYR F 147 2.73 19.11 12.09
C TYR F 147 2.84 20.55 12.60
N PRO F 148 3.87 21.30 12.13
CA PRO F 148 4.91 20.93 11.17
C PRO F 148 6.07 20.14 11.79
N ARG F 149 7.18 19.97 11.06
CA ARG F 149 8.22 19.06 11.50
C ARG F 149 8.95 19.56 12.72
N GLU F 150 8.97 20.87 12.94
CA GLU F 150 9.83 21.43 13.96
C GLU F 150 9.23 21.17 15.34
N ALA F 151 9.97 20.39 16.11
CA ALA F 151 9.65 19.98 17.46
C ALA F 151 10.99 19.76 18.14
N LYS F 152 11.02 19.97 19.45
CA LYS F 152 12.23 19.74 20.22
C LYS F 152 11.97 18.71 21.32
N VAL F 153 12.91 17.80 21.47
CA VAL F 153 12.89 16.76 22.50
C VAL F 153 14.09 16.97 23.39
N GLN F 154 13.86 16.94 24.69
CA GLN F 154 14.90 17.09 25.69
C GLN F 154 14.78 15.92 26.64
N TRP F 155 15.87 15.18 26.79
CA TRP F 155 15.92 14.10 27.76
C TRP F 155 16.34 14.65 29.10
N LYS F 156 15.74 14.14 30.17
CA LYS F 156 16.18 14.51 31.52
C LYS F 156 16.31 13.26 32.38
N VAL F 157 17.49 13.07 32.95
CA VAL F 157 17.80 12.02 33.90
C VAL F 157 17.78 12.59 35.31
N ASP F 158 16.83 12.12 36.12
CA ASP F 158 16.65 12.64 37.47
C ASP F 158 16.53 14.16 37.44
N ASN F 159 15.71 14.63 36.50
CA ASN F 159 15.51 16.07 36.26
C ASN F 159 16.83 16.78 36.00
N ALA F 160 17.78 16.08 35.38
CA ALA F 160 18.99 16.69 34.84
C ALA F 160 18.92 16.57 33.32
N LEU F 161 19.03 17.69 32.63
CA LEU F 161 18.79 17.73 31.19
C LEU F 161 20.01 17.24 30.40
N GLN F 162 19.76 16.42 29.38
CA GLN F 162 20.85 15.84 28.61
C GLN F 162 20.88 16.36 27.18
N SER F 163 22.07 16.23 26.59
CA SER F 163 22.37 16.72 25.24
C SER F 163 23.62 15.96 24.83
N GLY F 164 23.50 15.09 23.84
CA GLY F 164 24.64 14.34 23.38
C GLY F 164 24.75 12.92 23.92
N ASN F 165 23.62 12.26 24.18
CA ASN F 165 23.61 10.81 24.29
C ASN F 165 22.31 10.28 23.70
N SER F 166 21.64 11.09 22.89
CA SER F 166 20.43 10.76 22.17
C SER F 166 20.68 10.83 20.68
N GLN F 167 19.73 10.31 19.90
CA GLN F 167 19.70 10.48 18.46
C GLN F 167 18.26 10.35 18.01
N GLU F 168 17.90 11.06 16.94
CA GLU F 168 16.51 11.08 16.52
C GLU F 168 16.40 11.01 15.01
N SER F 169 15.26 10.53 14.55
CA SER F 169 14.90 10.53 13.14
C SER F 169 13.41 10.77 13.01
N VAL F 170 13.02 11.29 11.84
CA VAL F 170 11.66 11.71 11.57
C VAL F 170 11.17 10.97 10.33
N THR F 171 9.96 10.45 10.39
CA THR F 171 9.37 9.83 9.20
C THR F 171 9.12 10.91 8.14
N GLU F 172 9.14 10.49 6.89
CA GLU F 172 8.68 11.43 5.88
C GLU F 172 7.16 11.58 5.99
N GLN F 173 6.64 12.61 5.34
CA GLN F 173 5.28 13.03 5.62
C GLN F 173 4.27 11.95 5.25
N ASP F 174 3.37 11.66 6.19
CA ASP F 174 2.39 10.61 6.00
C ASP F 174 1.55 10.86 4.77
N SER F 175 1.41 9.84 3.93
CA SER F 175 0.71 9.95 2.66
C SER F 175 -0.79 10.21 2.82
N LYS F 176 -1.32 10.06 4.03
CA LYS F 176 -2.74 10.24 4.27
C LYS F 176 -3.09 11.48 5.10
N ASP F 177 -2.77 11.51 6.41
CA ASP F 177 -3.10 12.67 7.22
C ASP F 177 -2.02 13.74 7.20
N SER F 178 -0.97 13.55 6.40
CA SER F 178 0.07 14.55 6.14
C SER F 178 0.84 14.95 7.39
N THR F 179 0.84 14.12 8.43
CA THR F 179 1.57 14.44 9.65
C THR F 179 2.95 13.78 9.64
N TYR F 180 3.78 14.22 10.58
CA TYR F 180 5.09 13.63 10.82
C TYR F 180 5.10 12.91 12.17
N SER F 181 6.03 11.96 12.29
CA SER F 181 6.32 11.29 13.54
C SER F 181 7.81 11.34 13.79
N LEU F 182 8.21 11.41 15.06
CA LEU F 182 9.61 11.55 15.42
C LEU F 182 9.96 10.55 16.51
N SER F 183 11.18 10.01 16.42
CA SER F 183 11.69 9.04 17.37
C SER F 183 13.05 9.49 17.85
N SER F 184 13.18 9.72 19.16
CA SER F 184 14.45 10.09 19.78
C SER F 184 14.85 8.98 20.73
N THR F 185 16.13 8.59 20.68
CA THR F 185 16.63 7.47 21.47
C THR F 185 17.83 7.92 22.30
N LEU F 186 17.67 7.91 23.61
CA LEU F 186 18.79 8.19 24.52
C LEU F 186 19.41 6.87 24.96
N THR F 187 20.73 6.78 24.88
CA THR F 187 21.46 5.54 25.16
C THR F 187 22.40 5.76 26.34
N LEU F 188 22.29 4.91 27.35
CA LEU F 188 23.14 4.95 28.51
C LEU F 188 23.80 3.59 28.69
N SER F 189 24.91 3.57 29.44
CA SER F 189 25.41 2.30 29.91
C SER F 189 24.41 1.72 30.90
N LYS F 190 24.33 0.39 30.95
CA LYS F 190 23.48 -0.25 31.96
C LYS F 190 23.87 0.20 33.35
N ALA F 191 25.16 0.43 33.58
CA ALA F 191 25.63 0.96 34.86
C ALA F 191 25.00 2.32 35.16
N ASP F 192 25.12 3.27 34.23
CA ASP F 192 24.58 4.60 34.46
C ASP F 192 23.06 4.60 34.46
N TYR F 193 22.42 3.69 33.73
CA TYR F 193 20.97 3.60 33.77
C TYR F 193 20.47 3.14 35.13
N GLU F 194 21.21 2.26 35.80
CA GLU F 194 20.77 1.76 37.09
C GLU F 194 21.18 2.66 38.25
N LYS F 195 22.11 3.59 38.02
CA LYS F 195 22.41 4.59 39.03
C LYS F 195 21.21 5.51 39.27
N HIS F 196 20.42 5.78 38.23
CA HIS F 196 19.41 6.82 38.27
C HIS F 196 17.99 6.26 38.32
N LYS F 197 17.03 7.18 38.48
CA LYS F 197 15.70 6.77 38.90
C LYS F 197 14.59 7.22 37.96
N VAL F 198 14.51 8.49 37.59
CA VAL F 198 13.42 8.94 36.74
C VAL F 198 13.98 9.37 35.39
N TYR F 199 13.26 9.00 34.34
CA TYR F 199 13.69 9.18 32.96
C TYR F 199 12.56 9.89 32.24
N ALA F 200 12.78 11.15 31.90
CA ALA F 200 11.75 12.00 31.35
C ALA F 200 12.14 12.50 29.97
N CYS F 201 11.14 12.57 29.10
CA CYS F 201 11.25 13.16 27.77
C CYS F 201 10.23 14.30 27.70
N GLU F 202 10.70 15.52 27.48
CA GLU F 202 9.84 16.71 27.49
C GLU F 202 9.83 17.24 26.06
N VAL F 203 8.65 17.63 25.56
CA VAL F 203 8.48 17.96 24.14
C VAL F 203 7.89 19.36 24.02
N THR F 204 8.51 20.19 23.17
CA THR F 204 7.97 21.50 22.82
C THR F 204 7.64 21.54 21.33
N HIS F 205 6.54 22.21 21.00
CA HIS F 205 6.01 22.25 19.64
C HIS F 205 5.01 23.40 19.52
N GLN F 206 4.92 23.97 18.30
CA GLN F 206 3.98 25.06 18.05
C GLN F 206 2.60 24.77 18.59
N GLY F 207 2.15 23.52 18.44
CA GLY F 207 0.82 23.13 18.84
C GLY F 207 0.61 22.95 20.32
N LEU F 208 1.67 23.07 21.13
CA LEU F 208 1.59 22.91 22.58
C LEU F 208 1.83 24.25 23.26
N SER F 209 0.89 24.67 24.11
CA SER F 209 1.05 25.90 24.86
C SER F 209 2.22 25.79 25.85
N SER F 210 2.26 24.72 26.61
CA SER F 210 3.37 24.42 27.50
C SER F 210 3.96 23.06 27.12
N PRO F 211 5.22 22.81 27.48
CA PRO F 211 5.85 21.54 27.07
C PRO F 211 5.17 20.34 27.72
N VAL F 212 5.26 19.21 27.04
CA VAL F 212 4.69 17.95 27.51
C VAL F 212 5.84 17.03 27.90
N THR F 213 5.84 16.58 29.15
CA THR F 213 6.85 15.64 29.61
C THR F 213 6.18 14.30 29.91
N LYS F 214 6.82 13.22 29.48
CA LYS F 214 6.36 11.88 29.77
C LYS F 214 7.52 11.08 30.35
N SER F 215 7.27 10.43 31.48
CA SER F 215 8.34 9.83 32.24
C SER F 215 7.89 8.50 32.85
N PHE F 216 8.87 7.73 33.27
CA PHE F 216 8.71 6.48 34.01
C PHE F 216 9.85 6.47 35.01
N ASN F 217 9.83 5.52 35.95
CA ASN F 217 11.03 5.34 36.78
C ASN F 217 11.36 3.88 37.05
N ARG F 218 12.67 3.63 37.19
CA ARG F 218 13.40 2.39 37.52
C ARG F 218 14.51 2.13 36.49
#